data_4YZB
#
_entry.id   4YZB
#
_cell.length_a   68.259
_cell.length_b   97.950
_cell.length_c   89.930
_cell.angle_alpha   90.000
_cell.angle_beta   94.560
_cell.angle_gamma   90.000
#
_symmetry.space_group_name_H-M   'P 1 21 1'
#
loop_
_entity.id
_entity.type
_entity.pdbx_description
1 polymer 'Calmodulin-like domain protein kinase'
2 non-polymer 'CALCIUM ION'
3 non-polymer 4-(6-ethoxynaphthalen-2-yl)-6-(piperazin-1-ylmethyl)-2H-indazol-3-amine
#
_entity_poly.entity_id   1
_entity_poly.type   'polypeptide(L)'
_entity_poly.pdbx_seq_one_letter_code
;GPGSPAASKSDKLAATPGMFVQHSTAAFSDRYKGQRVLGKGSFGEVILCKDKVTGQEYAVKVISKRQVKQKTDKELLLKE
VELLKKLDHPNIMKLYEFFEDKGYFYLVTEVYTGGELFDEIISRKRFSEVDAARIIRQVLSGITYMHKNKIVHRDLKPEN
LLLENKRKDANIRIIDFGLSTHFESTKKMKDKIGTAYYIAPEVLHGTYDEKCDVWSTGVILYILLSGCPPFNGANEFDIL
KKVEKGKFTFDLPQWKKVSEPAKDLIRKMLAYVPTMRISARDALEHEWLKTTDAATDSIDVPSLESTILNIRQFQGTQKL
AAAALLYMGSKLTTNEETVELNKIFQRMDKNGDGQLDKQELMEGYVELMKLKGEDVSALDQSAIEFEVEQVLDAVDFDKN
GFIEYSEFVTVAMDRKTLLSRQRLERAFGMFDADGSGKISSSELATIFGVSEVDSETWRRVLAEVDRNNDGEVDFEEFRQ
MLLKLCGDTAA
;
_entity_poly.pdbx_strand_id   A,B
#
loop_
_chem_comp.id
_chem_comp.type
_chem_comp.name
_chem_comp.formula
BK8 non-polymer 4-(6-ethoxynaphthalen-2-yl)-6-(piperazin-1-ylmethyl)-2H-indazol-3-amine 'C24 H27 N5 O'
CA non-polymer 'CALCIUM ION' 'Ca 2'
#
# COMPACT_ATOMS: atom_id res chain seq x y z
N LYS A 12 17.14 11.51 -12.62
CA LYS A 12 16.55 12.22 -13.79
C LYS A 12 15.48 13.21 -13.34
N LEU A 13 15.37 14.32 -14.06
CA LEU A 13 14.24 15.23 -13.98
C LEU A 13 13.03 14.57 -14.63
N ALA A 14 11.99 14.30 -13.86
CA ALA A 14 10.88 13.46 -14.33
C ALA A 14 9.91 14.28 -15.17
N ALA A 15 9.74 13.89 -16.43
CA ALA A 15 8.82 14.61 -17.29
C ALA A 15 7.36 14.15 -17.08
N THR A 16 6.49 15.09 -16.71
CA THR A 16 5.10 14.76 -16.46
C THR A 16 4.24 15.84 -17.10
N PRO A 17 3.08 15.46 -17.64
CA PRO A 17 2.14 16.46 -18.18
C PRO A 17 1.84 17.62 -17.23
N GLY A 18 1.56 17.29 -15.96
CA GLY A 18 1.25 18.31 -14.95
C GLY A 18 2.30 19.40 -14.73
N MET A 19 3.55 19.13 -14.96
CA MET A 19 4.53 20.19 -14.76
C MET A 19 4.35 21.35 -15.72
N PHE A 20 3.73 21.08 -16.87
CA PHE A 20 3.49 22.12 -17.83
C PHE A 20 2.41 23.14 -17.39
N VAL A 21 1.57 22.79 -16.42
CA VAL A 21 0.57 23.72 -15.95
C VAL A 21 1.21 24.56 -14.83
N GLN A 22 1.35 25.85 -15.08
CA GLN A 22 2.02 26.74 -14.15
C GLN A 22 1.11 27.95 -13.89
N HIS A 23 1.47 28.67 -12.84
CA HIS A 23 0.84 29.89 -12.45
C HIS A 23 1.29 30.91 -13.46
N SER A 24 0.42 31.28 -14.38
CA SER A 24 0.75 32.36 -15.29
C SER A 24 0.40 33.70 -14.65
N THR A 25 1.15 34.73 -15.00
CA THR A 25 0.83 36.10 -14.57
C THR A 25 0.68 37.02 -15.80
N ALA A 26 0.23 36.42 -16.91
CA ALA A 26 -0.18 37.13 -18.10
C ALA A 26 -1.66 37.33 -17.94
N ALA A 27 -2.21 38.35 -18.59
CA ALA A 27 -3.62 38.61 -18.42
C ALA A 27 -4.45 37.62 -19.21
N PHE A 28 -5.41 36.96 -18.55
CA PHE A 28 -6.27 36.01 -19.20
C PHE A 28 -6.85 36.60 -20.45
N SER A 29 -7.35 37.82 -20.31
CA SER A 29 -7.98 38.58 -21.42
C SER A 29 -7.06 38.73 -22.62
N ASP A 30 -5.76 38.85 -22.38
CA ASP A 30 -4.77 38.96 -23.44
C ASP A 30 -4.74 37.77 -24.36
N ARG A 31 -5.16 36.62 -23.92
CA ARG A 31 -5.07 35.49 -24.78
C ARG A 31 -6.39 34.77 -25.07
N TYR A 32 -7.47 35.08 -24.32
CA TYR A 32 -8.73 34.32 -24.49
C TYR A 32 -9.89 35.21 -24.58
N LYS A 33 -10.89 34.76 -25.32
CA LYS A 33 -12.17 35.48 -25.41
C LYS A 33 -13.36 34.55 -25.15
N GLY A 34 -14.34 35.07 -24.42
CA GLY A 34 -15.44 34.29 -23.98
C GLY A 34 -16.41 34.09 -25.08
N GLN A 35 -16.97 32.90 -25.19
CA GLN A 35 -17.94 32.61 -26.22
C GLN A 35 -19.32 32.43 -25.66
N ARG A 36 -19.46 31.63 -24.61
CA ARG A 36 -20.77 31.36 -24.01
C ARG A 36 -20.63 30.66 -22.65
N VAL A 37 -21.71 30.69 -21.88
CA VAL A 37 -21.75 30.06 -20.58
C VAL A 37 -22.12 28.59 -20.72
N LEU A 38 -21.32 27.73 -20.07
CA LEU A 38 -21.55 26.27 -20.03
C LEU A 38 -22.28 25.89 -18.79
N GLY A 39 -21.95 26.59 -17.71
CA GLY A 39 -22.62 26.42 -16.44
C GLY A 39 -22.21 27.53 -15.50
N LYS A 40 -23.02 27.66 -14.45
CA LYS A 40 -22.87 28.72 -13.46
C LYS A 40 -22.81 28.02 -12.13
N GLY A 41 -21.93 28.46 -11.25
CA GLY A 41 -21.88 27.88 -9.90
C GLY A 41 -22.09 28.93 -8.84
N SER A 42 -21.84 28.56 -7.58
CA SER A 42 -21.80 29.55 -6.51
C SER A 42 -20.51 30.37 -6.62
N PHE A 43 -19.43 29.68 -7.00
CA PHE A 43 -18.06 30.22 -7.20
C PHE A 43 -17.91 31.34 -8.23
N GLY A 44 -18.65 31.22 -9.33
CA GLY A 44 -18.47 32.01 -10.54
C GLY A 44 -19.16 31.25 -11.69
N GLU A 45 -18.55 31.26 -12.88
CA GLU A 45 -19.11 30.53 -14.04
C GLU A 45 -18.03 29.73 -14.79
N VAL A 46 -18.48 28.71 -15.52
CA VAL A 46 -17.64 28.04 -16.51
C VAL A 46 -17.99 28.52 -17.94
N ILE A 47 -16.96 29.02 -18.61
CA ILE A 47 -17.09 29.76 -19.83
C ILE A 47 -16.28 29.13 -20.96
N LEU A 48 -16.94 28.81 -22.07
CA LEU A 48 -16.27 28.42 -23.30
C LEU A 48 -15.47 29.59 -23.81
N CYS A 49 -14.19 29.41 -24.00
CA CYS A 49 -13.36 30.47 -24.50
C CYS A 49 -12.61 30.01 -25.73
N LYS A 50 -12.16 30.96 -26.52
CA LYS A 50 -11.26 30.67 -27.62
C LYS A 50 -9.94 31.37 -27.46
N ASP A 51 -8.86 30.67 -27.80
CA ASP A 51 -7.54 31.28 -27.90
C ASP A 51 -7.71 32.33 -28.99
N LYS A 52 -7.29 33.56 -28.73
CA LYS A 52 -7.57 34.66 -29.62
C LYS A 52 -6.81 34.54 -30.91
N VAL A 53 -5.66 33.86 -30.85
CA VAL A 53 -4.80 33.67 -32.01
C VAL A 53 -5.04 32.35 -32.77
N THR A 54 -5.14 31.21 -32.09
CA THR A 54 -5.38 29.94 -32.75
C THR A 54 -6.83 29.56 -32.94
N GLY A 55 -7.74 30.24 -32.27
CA GLY A 55 -9.19 29.93 -32.32
C GLY A 55 -9.61 28.61 -31.65
N GLN A 56 -8.64 27.97 -31.00
CA GLN A 56 -8.86 26.68 -30.40
C GLN A 56 -9.72 26.96 -29.18
N GLU A 57 -10.63 26.05 -28.89
CA GLU A 57 -11.58 26.25 -27.81
C GLU A 57 -11.25 25.55 -26.50
N TYR A 58 -11.44 26.25 -25.39
CA TYR A 58 -11.25 25.71 -24.06
C TYR A 58 -12.40 26.03 -23.14
N ALA A 59 -12.47 25.34 -22.01
CA ALA A 59 -13.48 25.64 -21.00
C ALA A 59 -12.77 26.24 -19.80
N VAL A 60 -13.17 27.41 -19.40
CA VAL A 60 -12.53 28.02 -18.29
C VAL A 60 -13.53 28.01 -17.11
N LYS A 61 -12.96 27.78 -15.92
CA LYS A 61 -13.69 27.89 -14.69
C LYS A 61 -13.17 29.14 -14.08
N VAL A 62 -14.10 30.10 -13.91
CA VAL A 62 -13.79 31.40 -13.38
C VAL A 62 -14.35 31.50 -11.97
N ILE A 63 -13.50 31.95 -11.06
CA ILE A 63 -13.84 31.99 -9.67
C ILE A 63 -13.65 33.40 -9.17
N SER A 64 -14.71 34.00 -8.68
CA SER A 64 -14.59 35.34 -8.11
C SER A 64 -13.91 35.26 -6.73
N LYS A 65 -13.03 36.20 -6.42
CA LYS A 65 -12.43 36.28 -5.08
C LYS A 65 -13.36 36.95 -4.06
N ARG A 66 -12.98 36.91 -2.78
CA ARG A 66 -13.72 37.63 -1.75
C ARG A 66 -12.81 38.34 -0.75
N GLN A 70 -10.65 35.55 2.61
CA GLN A 70 -9.69 35.85 1.53
C GLN A 70 -8.61 34.76 1.34
N LYS A 71 -7.69 34.65 2.30
CA LYS A 71 -6.50 33.76 2.22
C LYS A 71 -6.82 32.25 2.30
N THR A 72 -7.82 31.88 3.10
CA THR A 72 -8.33 30.49 3.21
C THR A 72 -8.80 29.88 1.88
N ASP A 73 -9.47 30.70 1.08
CA ASP A 73 -10.07 30.27 -0.20
C ASP A 73 -8.98 29.75 -1.16
N LYS A 74 -7.89 30.51 -1.28
CA LYS A 74 -6.82 30.25 -2.26
C LYS A 74 -6.15 28.90 -2.04
N GLU A 75 -5.60 28.67 -0.86
CA GLU A 75 -4.86 27.42 -0.58
C GLU A 75 -5.73 26.20 -0.82
N LEU A 76 -7.01 26.32 -0.53
CA LEU A 76 -7.90 25.19 -0.71
C LEU A 76 -8.00 24.84 -2.15
N LEU A 77 -7.93 25.87 -2.99
CA LEU A 77 -7.91 25.75 -4.45
C LEU A 77 -6.58 25.28 -5.02
N LEU A 78 -5.50 26.01 -4.72
CA LEU A 78 -4.16 25.53 -5.08
C LEU A 78 -4.03 24.01 -4.95
N LYS A 79 -4.67 23.45 -3.93
CA LYS A 79 -4.66 22.01 -3.74
C LYS A 79 -5.50 21.28 -4.79
N GLU A 80 -6.71 21.76 -5.13
CA GLU A 80 -7.54 21.12 -6.19
C GLU A 80 -6.72 21.12 -7.47
N VAL A 81 -5.93 22.18 -7.69
CA VAL A 81 -5.10 22.28 -8.89
C VAL A 81 -4.02 21.23 -8.82
N GLU A 82 -3.24 21.25 -7.75
CA GLU A 82 -2.09 20.33 -7.63
C GLU A 82 -2.49 18.87 -7.80
N LEU A 83 -3.66 18.54 -7.30
CA LEU A 83 -4.23 17.22 -7.42
C LEU A 83 -4.46 16.91 -8.86
N LEU A 84 -5.02 17.88 -9.57
CA LEU A 84 -5.36 17.67 -10.96
C LEU A 84 -4.12 17.58 -11.85
N LYS A 85 -3.06 18.31 -11.51
CA LYS A 85 -1.79 18.16 -12.23
C LYS A 85 -1.27 16.72 -12.20
N LYS A 86 -1.42 16.04 -11.06
CA LYS A 86 -0.87 14.71 -10.91
C LYS A 86 -1.67 13.65 -11.63
N LEU A 87 -2.88 13.99 -12.07
CA LEU A 87 -3.74 13.01 -12.69
C LEU A 87 -3.59 13.12 -14.21
N ASP A 88 -3.26 11.99 -14.82
CA ASP A 88 -2.93 11.89 -16.23
C ASP A 88 -3.55 10.58 -16.69
N HIS A 89 -4.84 10.66 -17.06
CA HIS A 89 -5.64 9.50 -17.32
C HIS A 89 -6.73 9.83 -18.34
N PRO A 90 -7.02 8.89 -19.25
CA PRO A 90 -7.98 9.11 -20.33
C PRO A 90 -9.41 9.43 -19.94
N ASN A 91 -9.84 9.04 -18.74
CA ASN A 91 -11.18 9.35 -18.21
C ASN A 91 -11.20 10.36 -17.08
N ILE A 92 -10.14 11.16 -16.97
CA ILE A 92 -10.09 12.23 -16.01
C ILE A 92 -9.84 13.58 -16.69
N MET A 93 -10.46 14.60 -16.15
CA MET A 93 -10.38 15.94 -16.67
C MET A 93 -8.95 16.39 -16.86
N LYS A 94 -8.67 17.01 -17.99
CA LYS A 94 -7.37 17.56 -18.33
C LYS A 94 -7.36 19.07 -18.07
N LEU A 95 -6.31 19.51 -17.38
CA LEU A 95 -6.13 20.93 -17.02
C LEU A 95 -5.00 21.49 -17.84
N TYR A 96 -5.15 22.68 -18.43
CA TYR A 96 -4.06 23.22 -19.27
C TYR A 96 -3.26 24.26 -18.55
N GLU A 97 -3.92 25.22 -17.92
CA GLU A 97 -3.21 26.24 -17.13
C GLU A 97 -4.14 27.05 -16.25
N PHE A 98 -3.54 27.86 -15.38
CA PHE A 98 -4.35 28.72 -14.58
C PHE A 98 -3.83 30.13 -14.37
N PHE A 99 -4.74 31.09 -14.53
CA PHE A 99 -4.45 32.52 -14.46
C PHE A 99 -5.10 33.09 -13.18
N GLU A 100 -4.41 34.04 -12.55
CA GLU A 100 -4.95 34.72 -11.38
C GLU A 100 -4.95 36.19 -11.61
N ASP A 101 -5.99 36.81 -11.06
CA ASP A 101 -6.29 38.20 -11.24
C ASP A 101 -6.37 38.87 -9.89
N LYS A 102 -6.44 40.17 -9.91
CA LYS A 102 -6.83 40.95 -8.75
C LYS A 102 -8.21 40.48 -8.22
N GLY A 103 -9.17 40.15 -9.08
CA GLY A 103 -10.51 39.74 -8.64
C GLY A 103 -10.89 38.30 -8.89
N TYR A 104 -10.02 37.53 -9.55
CA TYR A 104 -10.47 36.28 -10.20
C TYR A 104 -9.38 35.21 -10.37
N PHE A 105 -9.83 33.96 -10.52
CA PHE A 105 -8.98 32.84 -10.88
C PHE A 105 -9.55 32.27 -12.13
N TYR A 106 -8.69 31.85 -13.05
CA TYR A 106 -9.22 31.22 -14.23
C TYR A 106 -8.47 29.95 -14.32
N LEU A 107 -9.22 28.89 -14.57
CA LEU A 107 -8.69 27.58 -14.64
C LEU A 107 -9.08 27.07 -15.95
N VAL A 108 -8.14 27.22 -16.89
CA VAL A 108 -8.35 26.81 -18.28
C VAL A 108 -8.20 25.34 -18.50
N THR A 109 -9.13 24.73 -19.24
CA THR A 109 -9.02 23.31 -19.47
C THR A 109 -9.68 22.86 -20.75
N GLU A 110 -9.40 21.63 -21.10
CA GLU A 110 -9.91 21.04 -22.30
C GLU A 110 -11.39 21.13 -22.16
N VAL A 111 -12.14 20.99 -23.22
CA VAL A 111 -13.58 21.15 -23.17
C VAL A 111 -14.18 19.90 -23.70
N TYR A 112 -15.26 19.48 -23.08
CA TYR A 112 -15.96 18.31 -23.51
C TYR A 112 -17.31 18.83 -23.87
N THR A 113 -17.66 18.62 -25.10
CA THR A 113 -18.81 19.24 -25.65
C THR A 113 -20.01 18.33 -25.66
N GLY A 114 -19.92 17.14 -25.10
CA GLY A 114 -21.02 16.18 -25.17
C GLY A 114 -22.05 16.39 -24.10
N GLY A 115 -21.71 17.25 -23.14
CA GLY A 115 -22.58 17.53 -22.04
C GLY A 115 -22.53 16.45 -20.95
N GLU A 116 -23.40 16.65 -19.97
CA GLU A 116 -23.46 15.83 -18.79
C GLU A 116 -24.14 14.51 -19.11
N LEU A 117 -23.64 13.44 -18.52
CA LEU A 117 -24.27 12.17 -18.68
C LEU A 117 -25.68 12.26 -18.12
N PHE A 118 -25.88 13.10 -17.11
CA PHE A 118 -27.24 13.39 -16.59
C PHE A 118 -28.27 13.72 -17.66
N ASP A 119 -27.91 14.60 -18.60
CA ASP A 119 -28.82 14.99 -19.66
C ASP A 119 -29.07 13.84 -20.63
N GLU A 120 -28.03 13.04 -20.83
CA GLU A 120 -28.13 11.86 -21.68
C GLU A 120 -29.04 10.85 -21.07
N ILE A 121 -29.04 10.74 -19.75
CA ILE A 121 -29.93 9.82 -19.09
C ILE A 121 -31.36 10.35 -19.16
N ILE A 122 -31.58 11.66 -18.97
CA ILE A 122 -32.95 12.20 -19.12
C ILE A 122 -33.46 12.17 -20.55
N SER A 123 -32.60 11.88 -21.51
CA SER A 123 -32.98 11.87 -22.91
C SER A 123 -33.20 10.45 -23.40
N ARG A 124 -32.16 9.65 -23.23
CA ARG A 124 -32.14 8.25 -23.61
C ARG A 124 -32.93 7.34 -22.65
N LYS A 125 -33.06 7.77 -21.40
CA LYS A 125 -33.93 7.09 -20.40
C LYS A 125 -33.31 5.85 -19.79
N ARG A 126 -32.86 4.96 -20.67
CA ARG A 126 -32.33 3.68 -20.28
C ARG A 126 -31.06 3.52 -21.08
N PHE A 127 -30.23 2.58 -20.72
CA PHE A 127 -29.00 2.36 -21.44
C PHE A 127 -28.82 0.90 -21.68
N SER A 128 -28.24 0.58 -22.82
CA SER A 128 -27.95 -0.76 -23.22
C SER A 128 -26.92 -1.35 -22.31
N GLU A 129 -26.89 -2.67 -22.23
CA GLU A 129 -25.84 -3.29 -21.44
C GLU A 129 -24.48 -2.97 -22.01
N VAL A 130 -24.39 -2.94 -23.33
CA VAL A 130 -23.14 -2.54 -23.97
C VAL A 130 -22.73 -1.14 -23.56
N ASP A 131 -23.62 -0.17 -23.77
CA ASP A 131 -23.31 1.23 -23.51
C ASP A 131 -22.97 1.45 -22.05
N ALA A 132 -23.75 0.86 -21.17
CA ALA A 132 -23.56 1.04 -19.75
C ALA A 132 -22.25 0.47 -19.30
N ALA A 133 -21.89 -0.71 -19.82
CA ALA A 133 -20.63 -1.36 -19.46
C ALA A 133 -19.45 -0.51 -19.85
N ARG A 134 -19.51 0.06 -21.06
CA ARG A 134 -18.40 0.87 -21.54
C ARG A 134 -18.25 2.10 -20.68
N ILE A 135 -19.38 2.66 -20.30
CA ILE A 135 -19.36 3.87 -19.51
C ILE A 135 -18.87 3.57 -18.13
N ILE A 136 -19.42 2.55 -17.48
CA ILE A 136 -19.01 2.26 -16.11
C ILE A 136 -17.58 1.76 -16.07
N ARG A 137 -17.15 1.04 -17.10
CA ARG A 137 -15.80 0.55 -17.10
C ARG A 137 -14.82 1.72 -17.09
N GLN A 138 -15.17 2.76 -17.82
CA GLN A 138 -14.32 3.93 -17.93
C GLN A 138 -14.29 4.64 -16.61
N VAL A 139 -15.46 4.85 -16.02
CA VAL A 139 -15.55 5.55 -14.76
C VAL A 139 -14.72 4.78 -13.74
N LEU A 140 -14.85 3.45 -13.72
CA LEU A 140 -14.13 2.64 -12.77
C LEU A 140 -12.63 2.72 -13.00
N SER A 141 -12.22 2.81 -14.27
CA SER A 141 -10.79 2.95 -14.60
C SER A 141 -10.22 4.25 -14.08
N GLY A 142 -10.98 5.31 -14.24
CA GLY A 142 -10.60 6.58 -13.66
C GLY A 142 -10.40 6.51 -12.14
N ILE A 143 -11.38 5.96 -11.43
CA ILE A 143 -11.26 5.90 -9.97
C ILE A 143 -10.25 4.86 -9.50
N THR A 144 -10.05 3.80 -10.26
CA THR A 144 -9.04 2.79 -9.89
C THR A 144 -7.68 3.45 -9.86
N TYR A 145 -7.44 4.21 -10.89
CA TYR A 145 -6.23 5.02 -10.98
C TYR A 145 -6.13 5.99 -9.78
N MET A 146 -7.24 6.63 -9.46
CA MET A 146 -7.27 7.61 -8.40
C MET A 146 -6.90 6.95 -7.10
N HIS A 147 -7.59 5.86 -6.82
CA HIS A 147 -7.39 5.17 -5.58
C HIS A 147 -5.96 4.63 -5.48
N LYS A 148 -5.38 4.18 -6.60
CA LYS A 148 -3.95 3.84 -6.67
C LYS A 148 -3.05 5.00 -6.28
N ASN A 149 -3.51 6.23 -6.52
CA ASN A 149 -2.75 7.41 -6.14
C ASN A 149 -3.24 8.00 -4.83
N LYS A 150 -3.97 7.19 -4.07
CA LYS A 150 -4.48 7.64 -2.75
C LYS A 150 -5.32 8.96 -2.80
N ILE A 151 -6.18 9.02 -3.80
CA ILE A 151 -7.05 10.16 -3.99
C ILE A 151 -8.45 9.64 -4.15
N VAL A 152 -9.38 10.27 -3.46
CA VAL A 152 -10.79 9.84 -3.48
C VAL A 152 -11.63 10.99 -4.00
N HIS A 153 -12.61 10.68 -4.83
CA HIS A 153 -13.28 11.74 -5.57
C HIS A 153 -14.40 12.38 -4.75
N ARG A 154 -15.29 11.51 -4.23
CA ARG A 154 -16.27 11.81 -3.19
C ARG A 154 -17.59 12.42 -3.65
N ASP A 155 -17.68 12.93 -4.87
CA ASP A 155 -18.95 13.42 -5.42
C ASP A 155 -19.27 12.99 -6.82
N LEU A 156 -19.22 11.68 -7.03
CA LEU A 156 -19.46 11.07 -8.31
C LEU A 156 -20.93 11.00 -8.54
N LYS A 157 -21.31 11.41 -9.75
CA LYS A 157 -22.70 11.45 -10.17
C LYS A 157 -22.71 11.83 -11.64
N PRO A 158 -23.78 11.51 -12.34
CA PRO A 158 -23.87 11.85 -13.77
C PRO A 158 -23.66 13.35 -14.11
N GLU A 159 -23.93 14.20 -13.14
CA GLU A 159 -23.74 15.63 -13.30
C GLU A 159 -22.25 15.91 -13.47
N ASN A 160 -21.40 15.04 -12.87
CA ASN A 160 -19.96 15.24 -12.84
C ASN A 160 -19.21 14.27 -13.75
N LEU A 161 -19.94 13.74 -14.73
CA LEU A 161 -19.37 12.99 -15.81
C LEU A 161 -19.77 13.60 -17.17
N LEU A 162 -18.77 14.01 -17.94
CA LEU A 162 -19.00 14.61 -19.22
C LEU A 162 -18.61 13.68 -20.35
N LEU A 163 -19.41 13.72 -21.40
CA LEU A 163 -19.06 13.04 -22.61
C LEU A 163 -18.17 13.99 -23.44
N GLU A 164 -17.10 13.43 -23.99
CA GLU A 164 -16.10 14.20 -24.76
C GLU A 164 -16.68 15.02 -25.89
N ASN A 165 -17.62 14.43 -26.62
CA ASN A 165 -18.23 15.09 -27.78
C ASN A 165 -19.65 14.55 -28.00
N LYS A 166 -20.29 14.97 -29.10
CA LYS A 166 -21.66 14.52 -29.39
C LYS A 166 -21.75 13.15 -30.11
N ARG A 167 -20.62 12.48 -30.25
CA ARG A 167 -20.63 11.15 -30.79
C ARG A 167 -21.46 10.22 -29.94
N LYS A 168 -21.96 9.21 -30.61
CA LYS A 168 -22.86 8.20 -30.08
C LYS A 168 -22.26 7.48 -28.87
N ASP A 169 -21.03 7.00 -29.01
CA ASP A 169 -20.33 6.21 -27.97
C ASP A 169 -19.18 6.98 -27.36
N ALA A 170 -19.44 8.23 -27.03
CA ALA A 170 -18.37 9.11 -26.65
C ALA A 170 -17.69 8.63 -25.36
N ASN A 171 -16.41 8.96 -25.31
CA ASN A 171 -15.60 8.70 -24.16
C ASN A 171 -16.08 9.52 -22.95
N ILE A 172 -15.89 9.00 -21.73
CA ILE A 172 -16.31 9.76 -20.53
C ILE A 172 -15.17 10.46 -19.82
N ARG A 173 -15.43 11.66 -19.34
CA ARG A 173 -14.54 12.34 -18.41
C ARG A 173 -15.18 12.63 -17.06
N ILE A 174 -14.50 12.21 -15.99
CA ILE A 174 -14.78 12.59 -14.62
C ILE A 174 -14.32 14.01 -14.36
N ILE A 175 -15.18 14.80 -13.73
CA ILE A 175 -14.81 16.18 -13.46
C ILE A 175 -14.98 16.56 -11.99
N ASP A 176 -14.60 17.81 -11.68
CA ASP A 176 -14.90 18.52 -10.44
C ASP A 176 -14.32 17.82 -9.26
N PHE A 177 -13.04 18.04 -9.13
CA PHE A 177 -12.31 17.45 -8.02
C PHE A 177 -12.33 18.32 -6.78
N GLY A 178 -13.30 19.23 -6.68
CA GLY A 178 -13.35 20.20 -5.59
C GLY A 178 -13.69 19.61 -4.22
N LEU A 179 -14.30 18.43 -4.21
CA LEU A 179 -14.57 17.71 -2.98
C LEU A 179 -13.61 16.55 -2.69
N SER A 180 -12.73 16.30 -3.65
CA SER A 180 -11.76 15.20 -3.61
C SER A 180 -10.63 15.42 -2.62
N THR A 181 -9.99 14.36 -2.19
CA THR A 181 -8.94 14.51 -1.17
C THR A 181 -7.99 13.34 -1.12
N HIS A 182 -6.86 13.54 -0.45
CA HIS A 182 -5.95 12.46 -0.21
C HIS A 182 -6.47 11.66 0.93
N PHE A 183 -6.37 10.34 0.85
CA PHE A 183 -6.72 9.50 1.95
C PHE A 183 -5.56 8.58 2.30
N GLU A 184 -5.42 8.25 3.58
CA GLU A 184 -4.41 7.32 4.04
C GLU A 184 -5.13 6.10 4.55
N SER A 185 -4.59 4.93 4.24
CA SER A 185 -5.19 3.70 4.74
C SER A 185 -5.08 3.57 6.29
N THR A 186 -4.26 4.40 6.95
CA THR A 186 -4.19 4.44 8.41
C THR A 186 -5.46 4.99 9.05
N LYS A 187 -5.90 6.14 8.58
CA LYS A 187 -6.99 6.87 9.21
C LYS A 187 -8.20 6.83 8.33
N LYS A 188 -9.33 7.23 8.88
CA LYS A 188 -10.52 7.27 8.09
C LYS A 188 -11.08 8.67 8.02
N MET A 189 -11.83 8.92 6.96
CA MET A 189 -12.44 10.21 6.73
C MET A 189 -13.78 10.30 7.46
N LYS A 190 -14.13 11.50 7.92
CA LYS A 190 -15.40 11.73 8.67
C LYS A 190 -16.39 12.71 8.00
N ASP A 191 -15.88 13.70 7.28
CA ASP A 191 -16.70 14.72 6.64
C ASP A 191 -17.85 14.19 5.77
N LYS A 192 -19.03 14.78 5.91
CA LYS A 192 -20.16 14.37 5.10
C LYS A 192 -20.13 15.10 3.78
N ILE A 193 -19.96 14.37 2.70
CA ILE A 193 -19.74 14.93 1.38
C ILE A 193 -20.30 13.96 0.33
N GLY A 194 -21.00 14.51 -0.64
CA GLY A 194 -21.68 13.68 -1.62
C GLY A 194 -23.01 14.32 -2.02
N THR A 195 -23.80 13.55 -2.75
CA THR A 195 -25.07 13.98 -3.26
C THR A 195 -26.09 12.90 -2.89
N ALA A 196 -27.27 13.38 -2.51
CA ALA A 196 -28.34 12.57 -1.97
C ALA A 196 -28.48 11.15 -2.45
N TYR A 197 -28.77 10.99 -3.74
CA TYR A 197 -28.98 9.64 -4.32
C TYR A 197 -27.74 8.76 -4.28
N TYR A 198 -26.57 9.38 -4.37
CA TYR A 198 -25.33 8.68 -4.69
C TYR A 198 -24.41 8.55 -3.50
N ILE A 199 -24.85 9.07 -2.35
CA ILE A 199 -23.98 9.06 -1.18
C ILE A 199 -23.95 7.66 -0.57
N ALA A 200 -22.77 7.20 -0.12
CA ALA A 200 -22.63 5.89 0.55
C ALA A 200 -23.02 5.96 2.01
N PRO A 201 -23.58 4.87 2.54
CA PRO A 201 -24.11 4.93 3.94
C PRO A 201 -23.07 5.27 4.98
N GLU A 202 -21.87 4.70 4.88
CA GLU A 202 -20.79 5.11 5.78
C GLU A 202 -20.47 6.64 5.79
N VAL A 203 -20.72 7.38 4.70
CA VAL A 203 -20.43 8.84 4.74
C VAL A 203 -21.40 9.51 5.71
N LEU A 204 -22.65 9.02 5.72
CA LEU A 204 -23.62 9.59 6.63
C LEU A 204 -23.22 9.26 8.04
N HIS A 205 -22.64 8.07 8.20
CA HIS A 205 -22.24 7.58 9.49
C HIS A 205 -21.03 8.27 10.06
N GLY A 206 -20.13 8.75 9.20
CA GLY A 206 -18.99 9.53 9.65
C GLY A 206 -17.66 8.81 9.62
N THR A 207 -17.65 7.57 9.15
CA THR A 207 -16.40 6.86 8.99
C THR A 207 -16.31 6.23 7.64
N TYR A 208 -15.44 6.73 6.78
CA TYR A 208 -15.44 6.20 5.41
C TYR A 208 -14.05 6.18 4.77
N ASP A 209 -13.94 5.43 3.68
CA ASP A 209 -12.74 5.42 2.89
C ASP A 209 -13.12 5.42 1.40
N GLU A 210 -12.16 5.07 0.55
CA GLU A 210 -12.37 5.18 -0.86
C GLU A 210 -13.55 4.39 -1.40
N LYS A 211 -14.01 3.38 -0.69
CA LYS A 211 -15.08 2.55 -1.21
C LYS A 211 -16.36 3.31 -1.28
N CYS A 212 -16.43 4.52 -0.74
CA CYS A 212 -17.61 5.37 -0.98
C CYS A 212 -17.82 5.67 -2.43
N ASP A 213 -16.70 5.89 -3.15
CA ASP A 213 -16.71 6.08 -4.62
C ASP A 213 -17.24 4.87 -5.32
N VAL A 214 -16.94 3.68 -4.81
CA VAL A 214 -17.49 2.49 -5.42
C VAL A 214 -18.98 2.46 -5.33
N TRP A 215 -19.51 2.66 -4.12
CA TRP A 215 -20.95 2.80 -3.92
C TRP A 215 -21.59 3.83 -4.87
N SER A 216 -21.03 5.02 -4.95
CA SER A 216 -21.54 6.05 -5.87
C SER A 216 -21.66 5.49 -7.27
N THR A 217 -20.59 4.88 -7.76
CA THR A 217 -20.56 4.36 -9.13
C THR A 217 -21.55 3.21 -9.30
N GLY A 218 -21.82 2.50 -8.20
CA GLY A 218 -22.77 1.40 -8.16
C GLY A 218 -24.14 1.94 -8.34
N VAL A 219 -24.40 3.09 -7.74
CA VAL A 219 -25.70 3.77 -7.90
C VAL A 219 -25.87 4.22 -9.35
N ILE A 220 -24.79 4.78 -9.88
CA ILE A 220 -24.80 5.18 -11.29
C ILE A 220 -25.16 4.03 -12.20
N LEU A 221 -24.56 2.87 -11.96
CA LEU A 221 -24.83 1.75 -12.85
C LEU A 221 -26.28 1.35 -12.80
N TYR A 222 -26.84 1.33 -11.61
CA TYR A 222 -28.21 0.90 -11.41
C TYR A 222 -29.14 1.77 -12.24
N ILE A 223 -28.85 3.06 -12.18
CA ILE A 223 -29.60 4.10 -12.89
C ILE A 223 -29.45 3.93 -14.41
N LEU A 224 -28.21 3.77 -14.87
CA LEU A 224 -28.01 3.62 -16.31
C LEU A 224 -28.89 2.49 -16.88
N LEU A 225 -28.95 1.36 -16.19
CA LEU A 225 -29.62 0.19 -16.71
C LEU A 225 -31.12 0.27 -16.61
N SER A 226 -31.65 0.89 -15.55
CA SER A 226 -33.09 0.82 -15.26
C SER A 226 -33.83 2.11 -15.46
N GLY A 227 -33.10 3.21 -15.45
CA GLY A 227 -33.70 4.53 -15.59
C GLY A 227 -34.11 5.17 -14.28
N CYS A 228 -34.12 4.41 -13.19
CA CYS A 228 -34.48 4.93 -11.87
C CYS A 228 -33.40 4.81 -10.78
N PRO A 229 -33.43 5.70 -9.76
CA PRO A 229 -32.46 5.54 -8.69
C PRO A 229 -32.87 4.37 -7.82
N PRO A 230 -31.86 3.69 -7.22
CA PRO A 230 -32.14 2.54 -6.36
C PRO A 230 -32.68 2.93 -5.00
N PHE A 231 -32.35 4.16 -4.57
CA PHE A 231 -32.78 4.71 -3.32
C PHE A 231 -33.57 5.98 -3.57
N ASN A 232 -34.86 5.97 -3.28
CA ASN A 232 -35.66 7.09 -3.66
C ASN A 232 -36.47 7.66 -2.50
N GLY A 233 -37.21 8.74 -2.76
CA GLY A 233 -38.11 9.32 -1.77
C GLY A 233 -38.65 10.67 -2.19
N ALA A 234 -39.55 11.20 -1.37
CA ALA A 234 -40.20 12.43 -1.69
C ALA A 234 -39.30 13.67 -1.67
N ASN A 235 -38.19 13.64 -0.94
CA ASN A 235 -37.31 14.82 -0.77
C ASN A 235 -35.94 14.42 -0.18
N GLU A 236 -35.02 15.35 -0.01
CA GLU A 236 -33.66 14.95 0.38
C GLU A 236 -33.58 14.08 1.64
N PHE A 237 -34.20 14.54 2.70
CA PHE A 237 -34.14 13.83 3.93
C PHE A 237 -34.68 12.40 3.79
N ASP A 238 -35.84 12.24 3.18
CA ASP A 238 -36.39 10.91 2.89
C ASP A 238 -35.44 10.01 2.18
N ILE A 239 -34.72 10.58 1.21
CA ILE A 239 -33.86 9.78 0.36
C ILE A 239 -32.71 9.32 1.24
N LEU A 240 -32.10 10.25 1.97
CA LEU A 240 -31.02 9.90 2.89
C LEU A 240 -31.40 8.81 3.93
N LYS A 241 -32.63 8.80 4.41
CA LYS A 241 -33.11 7.72 5.26
C LYS A 241 -33.10 6.39 4.55
N LYS A 242 -33.59 6.38 3.32
CA LYS A 242 -33.67 5.16 2.49
C LYS A 242 -32.27 4.66 2.22
N VAL A 243 -31.42 5.62 1.81
CA VAL A 243 -30.03 5.34 1.49
C VAL A 243 -29.37 4.66 2.66
N GLU A 244 -29.57 5.22 3.84
CA GLU A 244 -28.85 4.80 5.02
C GLU A 244 -29.22 3.42 5.44
N LYS A 245 -30.44 3.00 5.15
CA LYS A 245 -30.85 1.61 5.43
C LYS A 245 -30.34 0.64 4.36
N GLY A 246 -30.04 1.16 3.18
CA GLY A 246 -29.25 0.41 2.22
C GLY A 246 -29.96 -0.65 1.40
N LYS A 247 -31.23 -0.92 1.67
CA LYS A 247 -31.93 -2.00 1.02
C LYS A 247 -32.42 -1.46 -0.29
N PHE A 248 -32.26 -2.26 -1.33
CA PHE A 248 -32.68 -1.92 -2.71
C PHE A 248 -33.18 -3.16 -3.41
N THR A 249 -33.81 -2.99 -4.54
CA THR A 249 -34.54 -4.08 -5.14
C THR A 249 -34.28 -4.15 -6.66
N PHE A 250 -34.35 -5.34 -7.24
CA PHE A 250 -34.43 -5.48 -8.70
C PHE A 250 -35.82 -5.87 -9.10
N ASP A 251 -36.81 -5.32 -8.39
CA ASP A 251 -38.18 -5.79 -8.50
C ASP A 251 -38.92 -5.07 -9.62
N LEU A 252 -38.37 -4.00 -10.17
CA LEU A 252 -39.07 -3.26 -11.23
C LEU A 252 -39.08 -4.04 -12.55
N PRO A 253 -40.17 -3.88 -13.33
CA PRO A 253 -40.31 -4.70 -14.54
C PRO A 253 -39.11 -4.63 -15.48
N GLN A 254 -38.45 -3.47 -15.57
CA GLN A 254 -37.37 -3.24 -16.52
C GLN A 254 -36.12 -4.07 -16.25
N TRP A 255 -36.01 -4.58 -15.04
CA TRP A 255 -34.88 -5.43 -14.68
C TRP A 255 -34.96 -6.81 -15.30
N LYS A 256 -36.14 -7.26 -15.71
CA LYS A 256 -36.30 -8.60 -16.27
C LYS A 256 -35.43 -8.74 -17.52
N LYS A 257 -35.26 -7.62 -18.22
CA LYS A 257 -34.54 -7.59 -19.48
C LYS A 257 -33.08 -7.14 -19.24
N VAL A 258 -32.54 -7.35 -18.05
CA VAL A 258 -31.08 -7.23 -17.79
C VAL A 258 -30.45 -8.56 -17.35
N SER A 259 -29.23 -8.85 -17.78
CA SER A 259 -28.57 -10.14 -17.45
C SER A 259 -28.13 -10.21 -15.97
N GLU A 260 -28.06 -11.44 -15.45
CA GLU A 260 -27.74 -11.67 -14.05
C GLU A 260 -26.37 -11.13 -13.68
N PRO A 261 -25.39 -11.25 -14.58
CA PRO A 261 -24.05 -10.78 -14.22
C PRO A 261 -23.95 -9.29 -13.97
N ALA A 262 -24.77 -8.52 -14.68
CA ALA A 262 -24.84 -7.10 -14.41
C ALA A 262 -25.35 -6.87 -12.96
N LYS A 263 -26.38 -7.59 -12.58
CA LYS A 263 -26.93 -7.40 -11.27
C LYS A 263 -25.96 -7.88 -10.19
N ASP A 264 -25.21 -8.95 -10.46
CA ASP A 264 -24.21 -9.40 -9.54
C ASP A 264 -23.20 -8.33 -9.24
N LEU A 265 -22.71 -7.69 -10.30
CA LEU A 265 -21.79 -6.56 -10.12
C LEU A 265 -22.39 -5.45 -9.24
N ILE A 266 -23.61 -5.04 -9.56
CA ILE A 266 -24.30 -4.03 -8.79
C ILE A 266 -24.40 -4.44 -7.33
N ARG A 267 -24.83 -5.66 -7.04
CA ARG A 267 -24.90 -6.09 -5.64
C ARG A 267 -23.56 -5.92 -4.96
N LYS A 268 -22.47 -6.33 -5.64
CA LYS A 268 -21.16 -6.22 -5.03
C LYS A 268 -20.69 -4.78 -4.82
N MET A 269 -21.18 -3.87 -5.67
CA MET A 269 -20.80 -2.47 -5.63
C MET A 269 -21.64 -1.72 -4.63
N LEU A 270 -22.89 -2.15 -4.44
CA LEU A 270 -23.77 -1.63 -3.34
C LEU A 270 -23.83 -2.57 -2.07
N ALA A 271 -22.71 -3.24 -1.80
CA ALA A 271 -22.65 -4.05 -0.64
C ALA A 271 -22.62 -3.10 0.52
N TYR A 272 -23.47 -3.33 1.52
CA TYR A 272 -23.59 -2.40 2.64
C TYR A 272 -22.32 -2.22 3.45
N VAL A 273 -21.70 -3.34 3.75
CA VAL A 273 -20.56 -3.34 4.61
C VAL A 273 -19.35 -3.02 3.80
N PRO A 274 -18.61 -1.95 4.11
CA PRO A 274 -17.48 -1.52 3.24
C PRO A 274 -16.40 -2.55 2.98
N THR A 275 -16.02 -3.30 4.01
CA THR A 275 -14.97 -4.31 3.87
C THR A 275 -15.39 -5.46 2.96
N MET A 276 -16.69 -5.70 2.81
CA MET A 276 -17.20 -6.72 1.89
C MET A 276 -17.57 -6.15 0.54
N ARG A 277 -17.44 -4.85 0.38
CA ARG A 277 -17.74 -4.22 -0.86
C ARG A 277 -16.54 -4.38 -1.78
N ILE A 278 -16.80 -4.69 -3.05
CA ILE A 278 -15.74 -4.83 -4.05
C ILE A 278 -14.99 -3.51 -4.24
N SER A 279 -13.69 -3.59 -4.53
CA SER A 279 -12.88 -2.38 -4.78
C SER A 279 -13.07 -1.94 -6.20
N ALA A 280 -12.63 -0.74 -6.53
CA ALA A 280 -12.60 -0.31 -7.93
C ALA A 280 -11.72 -1.24 -8.80
N ARG A 281 -10.53 -1.51 -8.28
CA ARG A 281 -9.61 -2.37 -9.01
C ARG A 281 -10.23 -3.72 -9.37
N ASP A 282 -10.94 -4.34 -8.44
CA ASP A 282 -11.51 -5.66 -8.70
C ASP A 282 -12.77 -5.58 -9.52
N ALA A 283 -13.48 -4.45 -9.39
CA ALA A 283 -14.67 -4.21 -10.19
C ALA A 283 -14.29 -4.31 -11.68
N LEU A 284 -13.18 -3.72 -12.08
CA LEU A 284 -12.77 -3.71 -13.51
C LEU A 284 -12.71 -5.08 -14.08
N GLU A 285 -12.39 -6.07 -13.25
CA GLU A 285 -12.15 -7.41 -13.76
C GLU A 285 -13.43 -8.22 -13.85
N HIS A 286 -14.56 -7.68 -13.41
CA HIS A 286 -15.79 -8.42 -13.48
C HIS A 286 -16.15 -8.83 -14.93
N GLU A 287 -16.69 -10.02 -15.04
CA GLU A 287 -17.09 -10.61 -16.31
C GLU A 287 -17.84 -9.63 -17.19
N TRP A 288 -18.91 -9.06 -16.61
CA TRP A 288 -19.85 -8.18 -17.27
C TRP A 288 -19.15 -7.02 -17.93
N LEU A 289 -18.15 -6.47 -17.26
CA LEU A 289 -17.50 -5.28 -17.85
C LEU A 289 -16.74 -5.49 -19.19
N LYS A 290 -16.46 -6.72 -19.61
CA LYS A 290 -15.97 -6.93 -20.97
C LYS A 290 -17.10 -7.08 -22.00
N THR A 291 -18.32 -6.68 -21.65
CA THR A 291 -19.42 -6.83 -22.57
C THR A 291 -19.16 -5.90 -23.77
N THR A 292 -19.11 -6.49 -24.96
CA THR A 292 -18.71 -5.79 -26.18
C THR A 292 -19.48 -6.29 -27.41
N ASP A 293 -19.29 -5.68 -28.59
CA ASP A 293 -20.00 -6.17 -29.84
C ASP A 293 -19.46 -5.66 -31.17
N SER A 298 -13.44 -3.76 -34.01
CA SER A 298 -12.03 -4.06 -34.19
C SER A 298 -11.24 -2.84 -34.70
N ILE A 299 -9.99 -3.08 -35.11
CA ILE A 299 -9.08 -2.02 -35.58
C ILE A 299 -8.42 -2.47 -36.89
N ASP A 300 -8.20 -1.52 -37.81
CA ASP A 300 -7.49 -1.83 -39.03
C ASP A 300 -6.05 -2.18 -38.67
N VAL A 301 -5.57 -3.24 -39.30
CA VAL A 301 -4.24 -3.72 -39.07
C VAL A 301 -3.18 -2.68 -39.44
N PRO A 302 -3.34 -2.00 -40.58
CA PRO A 302 -2.36 -0.95 -40.93
C PRO A 302 -2.15 0.08 -39.83
N SER A 303 -3.22 0.64 -39.27
CA SER A 303 -3.04 1.67 -38.25
C SER A 303 -2.38 1.07 -37.00
N LEU A 304 -2.79 -0.13 -36.63
CA LEU A 304 -2.17 -0.83 -35.49
C LEU A 304 -0.69 -1.07 -35.72
N GLU A 305 -0.35 -1.47 -36.93
CA GLU A 305 1.01 -1.76 -37.30
C GLU A 305 1.89 -0.50 -37.22
N SER A 306 1.43 0.60 -37.80
CA SER A 306 2.17 1.87 -37.74
C SER A 306 2.43 2.33 -36.32
N THR A 307 1.40 2.28 -35.49
CA THR A 307 1.48 2.73 -34.12
C THR A 307 2.51 1.89 -33.35
N ILE A 308 2.47 0.58 -33.53
CA ILE A 308 3.43 -0.31 -32.91
C ILE A 308 4.84 -0.02 -33.42
N LEU A 309 4.97 0.19 -34.72
CA LEU A 309 6.26 0.50 -35.32
C LEU A 309 6.79 1.84 -34.80
N ASN A 310 5.94 2.84 -34.66
CA ASN A 310 6.38 4.12 -34.06
C ASN A 310 6.89 4.02 -32.64
N ILE A 311 6.27 3.14 -31.87
CA ILE A 311 6.65 2.97 -30.49
C ILE A 311 8.00 2.25 -30.42
N ARG A 312 8.17 1.26 -31.26
CA ARG A 312 9.43 0.55 -31.31
C ARG A 312 10.58 1.43 -31.75
N GLN A 313 10.33 2.34 -32.67
CA GLN A 313 11.37 3.19 -33.18
C GLN A 313 11.68 4.38 -32.29
N PHE A 314 10.92 4.59 -31.22
CA PHE A 314 11.19 5.75 -30.37
C PHE A 314 12.44 5.49 -29.58
N GLN A 315 13.42 6.36 -29.79
CA GLN A 315 14.66 6.33 -29.07
C GLN A 315 14.63 7.47 -28.05
N GLY A 316 15.05 7.17 -26.82
CA GLY A 316 15.14 8.16 -25.76
C GLY A 316 16.10 9.26 -26.18
N THR A 317 16.07 10.36 -25.44
CA THR A 317 16.76 11.58 -25.88
C THR A 317 17.06 12.55 -24.76
N GLN A 318 17.77 13.63 -25.05
CA GLN A 318 17.98 14.60 -24.02
C GLN A 318 16.65 15.22 -23.53
N LYS A 319 16.70 15.74 -22.31
CA LYS A 319 15.50 16.18 -21.60
C LYS A 319 14.71 17.26 -22.29
N LEU A 320 15.41 18.18 -22.94
CA LEU A 320 14.75 19.26 -23.67
C LEU A 320 13.82 18.70 -24.74
N ALA A 321 14.28 17.75 -25.53
CA ALA A 321 13.40 17.11 -26.51
C ALA A 321 12.26 16.38 -25.82
N ALA A 322 12.55 15.62 -24.79
CA ALA A 322 11.52 14.90 -24.06
C ALA A 322 10.42 15.80 -23.53
N ALA A 323 10.80 16.95 -22.99
CA ALA A 323 9.82 17.95 -22.53
C ALA A 323 8.99 18.46 -23.67
N ALA A 324 9.67 18.87 -24.74
CA ALA A 324 9.03 19.42 -25.90
C ALA A 324 8.00 18.47 -26.47
N LEU A 325 8.37 17.20 -26.58
CA LEU A 325 7.51 16.22 -27.23
C LEU A 325 6.33 15.95 -26.37
N LEU A 326 6.59 15.79 -25.08
CA LEU A 326 5.55 15.50 -24.13
C LEU A 326 4.61 16.67 -24.06
N TYR A 327 5.14 17.90 -24.12
CA TYR A 327 4.28 19.09 -24.12
C TYR A 327 3.27 19.06 -25.24
N MET A 328 3.79 18.79 -26.44
CA MET A 328 3.01 18.74 -27.67
C MET A 328 2.02 17.59 -27.63
N GLY A 329 2.44 16.43 -27.13
CA GLY A 329 1.56 15.29 -27.05
C GLY A 329 0.53 15.39 -25.96
N SER A 330 0.88 15.98 -24.81
CA SER A 330 0.00 15.90 -23.64
C SER A 330 -0.94 17.07 -23.54
N LYS A 331 -0.50 18.21 -24.05
CA LYS A 331 -1.28 19.42 -23.97
C LYS A 331 -1.82 19.95 -25.30
N LEU A 332 -1.16 19.70 -26.42
CA LEU A 332 -1.49 20.38 -27.67
C LEU A 332 -2.06 19.46 -28.73
N THR A 333 -2.42 18.23 -28.42
CA THR A 333 -3.15 17.42 -29.39
C THR A 333 -4.57 17.47 -28.98
N THR A 334 -5.47 17.35 -29.92
CA THR A 334 -6.88 17.40 -29.57
C THR A 334 -7.42 16.00 -29.48
N ASN A 335 -8.60 15.86 -28.90
CA ASN A 335 -9.22 14.57 -28.79
C ASN A 335 -9.55 14.00 -30.14
N GLU A 336 -9.94 14.87 -31.07
CA GLU A 336 -10.36 14.43 -32.39
C GLU A 336 -9.17 13.80 -33.11
N GLU A 337 -7.99 14.35 -32.92
CA GLU A 337 -6.78 13.80 -33.52
C GLU A 337 -6.41 12.42 -33.03
N THR A 338 -6.74 12.13 -31.79
CA THR A 338 -6.23 10.95 -31.14
C THR A 338 -7.27 9.82 -31.02
N VAL A 339 -8.36 9.87 -31.79
CA VAL A 339 -9.40 8.85 -31.67
C VAL A 339 -8.88 7.46 -31.98
N GLU A 340 -8.06 7.34 -33.02
CA GLU A 340 -7.43 6.06 -33.39
C GLU A 340 -6.51 5.55 -32.27
N LEU A 341 -5.68 6.47 -31.80
CA LEU A 341 -4.75 6.16 -30.72
C LEU A 341 -5.50 5.75 -29.46
N ASN A 342 -6.57 6.48 -29.18
CA ASN A 342 -7.36 6.17 -28.02
C ASN A 342 -7.90 4.73 -28.07
N LYS A 343 -8.35 4.29 -29.25
CA LYS A 343 -8.88 2.93 -29.40
C LYS A 343 -7.81 1.90 -29.10
N ILE A 344 -6.65 2.10 -29.71
CA ILE A 344 -5.57 1.12 -29.60
C ILE A 344 -5.12 1.01 -28.15
N PHE A 345 -4.92 2.15 -27.51
CA PHE A 345 -4.51 2.15 -26.13
C PHE A 345 -5.47 1.35 -25.26
N GLN A 346 -6.77 1.56 -25.41
CA GLN A 346 -7.73 0.92 -24.51
C GLN A 346 -7.74 -0.57 -24.69
N ARG A 347 -7.50 -1.04 -25.90
CA ARG A 347 -7.49 -2.47 -26.12
C ARG A 347 -6.19 -3.10 -25.62
N MET A 348 -5.07 -2.40 -25.73
CA MET A 348 -3.82 -2.91 -25.17
C MET A 348 -3.82 -2.84 -23.65
N ASP A 349 -4.67 -1.99 -23.08
CA ASP A 349 -4.85 -2.00 -21.63
C ASP A 349 -5.88 -3.08 -21.21
N LYS A 350 -5.40 -4.32 -21.11
CA LYS A 350 -6.25 -5.49 -20.80
C LYS A 350 -6.95 -5.34 -19.46
N ASN A 351 -6.28 -4.81 -18.45
CA ASN A 351 -6.93 -4.61 -17.17
C ASN A 351 -7.69 -3.28 -17.02
N GLY A 352 -7.66 -2.42 -18.03
CA GLY A 352 -8.33 -1.12 -17.93
C GLY A 352 -7.78 -0.09 -16.94
N ASP A 353 -6.72 -0.38 -16.19
CA ASP A 353 -6.26 0.52 -15.11
C ASP A 353 -5.69 1.90 -15.51
N GLY A 354 -5.70 2.19 -16.81
CA GLY A 354 -5.20 3.49 -17.30
C GLY A 354 -3.69 3.59 -17.51
N GLN A 355 -3.03 2.43 -17.47
CA GLN A 355 -1.59 2.32 -17.64
C GLN A 355 -1.35 1.15 -18.57
N LEU A 356 -0.32 1.25 -19.38
CA LEU A 356 0.21 0.06 -20.02
C LEU A 356 1.38 -0.43 -19.19
N ASP A 357 1.30 -1.69 -18.77
CA ASP A 357 2.41 -2.28 -18.06
C ASP A 357 3.18 -3.22 -18.99
N LYS A 358 4.29 -3.73 -18.47
CA LYS A 358 5.19 -4.57 -19.24
C LYS A 358 4.46 -5.71 -19.98
N GLN A 359 3.62 -6.46 -19.27
CA GLN A 359 2.98 -7.59 -19.92
C GLN A 359 1.98 -7.16 -20.96
N GLU A 360 1.29 -6.07 -20.71
CA GLU A 360 0.25 -5.61 -21.65
C GLU A 360 0.87 -5.22 -22.98
N LEU A 361 2.07 -4.66 -22.89
CA LEU A 361 2.89 -4.30 -24.06
C LEU A 361 3.31 -5.51 -24.85
N MET A 362 3.78 -6.50 -24.11
CA MET A 362 4.23 -7.74 -24.67
C MET A 362 3.09 -8.47 -25.38
N GLU A 363 1.92 -8.53 -24.74
CA GLU A 363 0.74 -9.13 -25.36
C GLU A 363 0.27 -8.35 -26.59
N GLY A 364 0.47 -7.03 -26.59
CA GLY A 364 0.16 -6.25 -27.79
C GLY A 364 0.92 -6.74 -29.00
N TYR A 365 2.22 -6.86 -28.83
CA TYR A 365 3.11 -7.37 -29.86
C TYR A 365 2.70 -8.76 -30.28
N VAL A 366 2.37 -9.60 -29.31
CA VAL A 366 1.98 -10.97 -29.61
C VAL A 366 0.67 -10.98 -30.42
N GLU A 367 -0.29 -10.15 -30.00
CA GLU A 367 -1.61 -10.04 -30.65
C GLU A 367 -1.48 -9.57 -32.12
N LEU A 368 -0.60 -8.59 -32.33
CA LEU A 368 -0.21 -8.20 -33.67
C LEU A 368 0.35 -9.36 -34.47
N MET A 369 1.20 -10.18 -33.85
CA MET A 369 1.81 -11.35 -34.50
C MET A 369 0.77 -12.37 -34.96
N LYS A 370 -0.20 -12.67 -34.10
CA LYS A 370 -1.35 -13.50 -34.49
C LYS A 370 -1.99 -12.94 -35.76
N LEU A 371 -2.33 -11.65 -35.72
CA LEU A 371 -2.93 -10.96 -36.86
C LEU A 371 -2.15 -11.11 -38.16
N LYS A 372 -0.83 -11.17 -38.03
CA LYS A 372 0.05 -11.22 -39.18
C LYS A 372 0.27 -12.65 -39.68
N GLY A 373 -0.28 -13.63 -38.98
CA GLY A 373 -0.08 -15.03 -39.32
C GLY A 373 1.21 -15.60 -38.76
N GLU A 374 2.01 -14.76 -38.10
CA GLU A 374 3.23 -15.23 -37.46
C GLU A 374 2.89 -16.23 -36.37
N ASP A 375 3.67 -17.29 -36.37
CA ASP A 375 3.50 -18.42 -35.48
C ASP A 375 3.87 -18.06 -34.05
N VAL A 376 2.94 -18.31 -33.12
CA VAL A 376 3.13 -17.99 -31.70
C VAL A 376 4.25 -18.85 -31.06
N SER A 377 4.07 -20.16 -30.96
CA SER A 377 5.13 -21.07 -30.43
C SER A 377 6.55 -20.64 -30.76
N ALA A 378 6.74 -20.19 -32.01
CA ALA A 378 8.04 -19.70 -32.48
C ALA A 378 8.65 -18.68 -31.55
N LEU A 379 7.83 -17.98 -30.79
CA LEU A 379 8.30 -16.81 -30.05
C LEU A 379 9.32 -17.13 -28.95
N ASP A 380 10.37 -16.33 -28.94
CA ASP A 380 11.39 -16.39 -27.95
C ASP A 380 10.93 -15.45 -26.87
N GLN A 381 10.37 -16.01 -25.81
CA GLN A 381 9.74 -15.21 -24.78
C GLN A 381 10.68 -14.22 -24.09
N SER A 382 11.90 -14.67 -23.84
CA SER A 382 12.95 -13.87 -23.20
C SER A 382 13.38 -12.69 -24.05
N ALA A 383 13.48 -12.94 -25.36
CA ALA A 383 13.91 -11.92 -26.32
C ALA A 383 12.87 -10.83 -26.36
N ILE A 384 11.62 -11.23 -26.55
CA ILE A 384 10.54 -10.27 -26.55
C ILE A 384 10.55 -9.45 -25.25
N GLU A 385 10.54 -10.13 -24.10
CA GLU A 385 10.64 -9.47 -22.77
C GLU A 385 11.72 -8.38 -22.72
N PHE A 386 12.94 -8.73 -23.12
CA PHE A 386 14.03 -7.75 -23.15
C PHE A 386 13.71 -6.59 -24.10
N GLU A 387 13.13 -6.92 -25.24
CA GLU A 387 12.82 -5.93 -26.25
C GLU A 387 11.77 -4.92 -25.69
N VAL A 388 10.78 -5.46 -24.95
CA VAL A 388 9.74 -4.69 -24.26
C VAL A 388 10.30 -3.86 -23.11
N GLU A 389 11.17 -4.46 -22.30
CA GLU A 389 11.83 -3.69 -21.25
C GLU A 389 12.45 -2.41 -21.81
N GLN A 390 13.05 -2.47 -23.00
CA GLN A 390 13.81 -1.34 -23.55
C GLN A 390 12.94 -0.26 -24.14
N VAL A 391 11.85 -0.67 -24.79
CA VAL A 391 10.78 0.27 -25.18
C VAL A 391 10.20 1.03 -23.97
N LEU A 392 9.82 0.29 -22.95
CA LEU A 392 9.31 0.90 -21.76
C LEU A 392 10.35 1.87 -21.18
N ASP A 393 11.59 1.46 -21.16
CA ASP A 393 12.60 2.34 -20.64
C ASP A 393 12.62 3.67 -21.42
N ALA A 394 12.44 3.59 -22.74
CA ALA A 394 12.62 4.75 -23.60
C ALA A 394 11.45 5.63 -23.52
N VAL A 395 10.28 5.01 -23.44
CA VAL A 395 9.03 5.71 -23.58
C VAL A 395 8.54 6.30 -22.25
N ASP A 396 8.85 5.64 -21.15
CA ASP A 396 8.34 5.99 -19.81
C ASP A 396 8.98 7.28 -19.33
N PHE A 397 8.39 8.37 -19.74
CA PHE A 397 8.95 9.70 -19.56
C PHE A 397 9.21 10.05 -18.11
N ASP A 398 8.32 9.63 -17.22
CA ASP A 398 8.45 9.98 -15.79
C ASP A 398 9.16 8.90 -14.99
N LYS A 399 9.56 7.82 -15.64
CA LYS A 399 10.33 6.77 -15.03
C LYS A 399 9.60 6.09 -13.88
N ASN A 400 8.30 5.92 -14.02
CA ASN A 400 7.47 5.27 -13.02
C ASN A 400 7.19 3.82 -13.34
N GLY A 401 7.83 3.33 -14.40
CA GLY A 401 7.73 1.94 -14.82
C GLY A 401 6.50 1.58 -15.65
N PHE A 402 5.74 2.57 -16.06
CA PHE A 402 4.46 2.30 -16.72
C PHE A 402 4.23 3.40 -17.74
N ILE A 403 3.45 3.08 -18.78
CA ILE A 403 3.20 4.04 -19.85
C ILE A 403 1.82 4.61 -19.69
N GLU A 404 1.76 5.88 -19.34
CA GLU A 404 0.48 6.56 -19.21
C GLU A 404 -0.06 7.01 -20.57
N TYR A 405 -1.33 7.39 -20.62
CA TYR A 405 -1.97 7.79 -21.88
C TYR A 405 -1.21 8.80 -22.67
N SER A 406 -0.89 9.90 -22.01
CA SER A 406 -0.22 10.99 -22.65
C SER A 406 1.12 10.58 -23.22
N GLU A 407 1.82 9.71 -22.48
CA GLU A 407 3.14 9.24 -22.85
C GLU A 407 2.98 8.48 -24.15
N PHE A 408 1.97 7.62 -24.16
CA PHE A 408 1.67 6.79 -25.33
C PHE A 408 1.42 7.63 -26.59
N VAL A 409 0.52 8.60 -26.46
CA VAL A 409 0.15 9.47 -27.57
C VAL A 409 1.40 10.16 -28.11
N THR A 410 2.21 10.73 -27.21
CA THR A 410 3.39 11.47 -27.61
C THR A 410 4.26 10.65 -28.56
N VAL A 411 4.47 9.41 -28.14
CA VAL A 411 5.45 8.50 -28.73
C VAL A 411 4.88 7.74 -29.92
N ALA A 412 3.58 7.44 -29.89
CA ALA A 412 2.92 6.54 -30.87
C ALA A 412 2.31 7.26 -32.07
N MET A 413 2.05 8.55 -31.92
CA MET A 413 1.59 9.33 -33.03
C MET A 413 2.77 9.56 -34.00
N ASP A 414 2.43 9.55 -35.29
CA ASP A 414 3.38 9.79 -36.37
C ASP A 414 4.00 11.17 -36.18
N ARG A 415 5.33 11.18 -36.10
CA ARG A 415 6.02 12.40 -35.67
C ARG A 415 5.70 13.56 -36.57
N LYS A 416 5.47 13.32 -37.87
CA LYS A 416 5.19 14.47 -38.77
C LYS A 416 3.83 15.06 -38.42
N THR A 417 2.84 14.23 -38.11
CA THR A 417 1.54 14.73 -37.70
C THR A 417 1.62 15.48 -36.38
N LEU A 418 2.25 14.90 -35.37
CA LEU A 418 2.27 15.58 -34.08
C LEU A 418 3.09 16.79 -34.25
N LEU A 419 4.15 16.63 -35.00
CA LEU A 419 5.06 17.73 -35.21
C LEU A 419 4.57 18.75 -36.21
N SER A 420 3.26 19.00 -36.27
CA SER A 420 2.79 19.99 -37.23
C SER A 420 3.55 21.26 -36.97
N ARG A 421 3.69 22.11 -37.99
CA ARG A 421 4.40 23.39 -37.83
C ARG A 421 3.89 24.28 -36.68
N GLN A 422 2.54 24.33 -36.51
CA GLN A 422 1.91 25.12 -35.42
C GLN A 422 2.32 24.59 -34.06
N ARG A 423 2.29 23.27 -33.89
CA ARG A 423 2.54 22.67 -32.61
C ARG A 423 3.97 22.92 -32.16
N LEU A 424 4.92 22.71 -33.07
CA LEU A 424 6.33 23.03 -32.86
C LEU A 424 6.55 24.44 -32.38
N GLU A 425 5.93 25.36 -33.09
CA GLU A 425 6.21 26.77 -32.91
C GLU A 425 5.62 27.16 -31.56
N ARG A 426 4.46 26.61 -31.23
CA ARG A 426 3.79 26.93 -29.96
C ARG A 426 4.57 26.34 -28.74
N ALA A 427 4.98 25.09 -28.87
CA ALA A 427 5.89 24.54 -27.90
C ALA A 427 7.09 25.45 -27.68
N PHE A 428 7.78 25.86 -28.73
CA PHE A 428 9.00 26.63 -28.52
C PHE A 428 8.68 27.92 -27.79
N GLY A 429 7.57 28.50 -28.12
CA GLY A 429 7.19 29.79 -27.54
C GLY A 429 6.94 29.66 -26.06
N MET A 430 6.33 28.55 -25.68
CA MET A 430 6.04 28.27 -24.27
C MET A 430 7.34 28.17 -23.48
N PHE A 431 8.34 27.53 -24.08
CA PHE A 431 9.60 27.24 -23.45
C PHE A 431 10.47 28.49 -23.30
N ASP A 432 10.57 29.26 -24.38
CA ASP A 432 11.27 30.53 -24.39
C ASP A 432 10.44 31.58 -23.67
N ALA A 433 10.42 31.45 -22.36
CA ALA A 433 9.48 32.18 -21.53
C ALA A 433 9.72 33.69 -21.54
N ASP A 434 10.99 34.09 -21.54
CA ASP A 434 11.33 35.50 -21.59
C ASP A 434 11.22 36.09 -23.00
N GLY A 435 10.75 35.32 -23.97
CA GLY A 435 10.64 35.82 -25.36
C GLY A 435 11.95 36.19 -26.04
N SER A 436 13.08 35.74 -25.52
CA SER A 436 14.39 36.13 -26.06
C SER A 436 14.76 35.45 -27.37
N GLY A 437 13.89 34.57 -27.86
CA GLY A 437 14.15 33.83 -29.10
C GLY A 437 15.03 32.61 -28.91
N LYS A 438 15.36 32.30 -27.66
CA LYS A 438 16.38 31.30 -27.34
C LYS A 438 16.09 30.67 -25.97
N ILE A 439 16.04 29.33 -25.93
CA ILE A 439 15.72 28.62 -24.69
C ILE A 439 16.99 28.45 -23.88
N SER A 440 16.96 29.00 -22.66
CA SER A 440 18.06 28.95 -21.70
C SER A 440 17.87 27.77 -20.76
N SER A 441 18.95 27.37 -20.09
CA SER A 441 18.88 26.32 -19.09
C SER A 441 17.89 26.67 -17.99
N SER A 442 17.86 27.93 -17.58
CA SER A 442 16.90 28.38 -16.55
C SER A 442 15.47 28.23 -17.05
N GLU A 443 15.23 28.56 -18.31
CA GLU A 443 13.92 28.35 -18.89
C GLU A 443 13.56 26.85 -18.92
N LEU A 444 14.55 26.00 -19.14
CA LEU A 444 14.34 24.55 -19.08
C LEU A 444 14.00 24.08 -17.67
N ALA A 445 14.71 24.60 -16.71
CA ALA A 445 14.41 24.33 -15.33
C ALA A 445 12.97 24.70 -15.06
N THR A 446 12.59 25.90 -15.52
CA THR A 446 11.23 26.40 -15.34
C THR A 446 10.18 25.44 -15.88
N ILE A 447 10.44 24.88 -17.05
CA ILE A 447 9.53 23.92 -17.67
C ILE A 447 9.34 22.71 -16.80
N PHE A 448 10.42 22.21 -16.22
CA PHE A 448 10.37 21.01 -15.35
C PHE A 448 9.78 21.25 -13.96
N GLY A 449 9.95 22.47 -13.48
CA GLY A 449 9.38 22.85 -12.22
C GLY A 449 10.42 22.66 -11.16
N VAL A 450 11.65 23.03 -11.52
CA VAL A 450 12.79 22.75 -10.69
C VAL A 450 13.70 23.97 -10.74
N SER A 451 14.40 24.22 -9.63
CA SER A 451 15.13 25.48 -9.41
C SER A 451 16.17 25.74 -10.47
N GLU A 452 16.94 24.68 -10.78
CA GLU A 452 17.94 24.75 -11.85
C GLU A 452 18.20 23.35 -12.40
N VAL A 453 18.78 23.31 -13.60
CA VAL A 453 19.03 22.05 -14.30
C VAL A 453 20.44 21.57 -13.97
N ASP A 454 20.56 20.26 -13.74
CA ASP A 454 21.85 19.62 -13.55
C ASP A 454 22.82 20.02 -14.70
N SER A 455 23.92 20.64 -14.32
CA SER A 455 25.02 20.92 -15.22
C SER A 455 25.22 19.82 -16.28
N GLU A 456 25.15 18.57 -15.84
CA GLU A 456 25.29 17.38 -16.72
C GLU A 456 24.17 17.22 -17.74
N THR A 457 22.93 17.47 -17.35
CA THR A 457 21.80 17.29 -18.26
C THR A 457 21.73 18.43 -19.29
N TRP A 458 22.11 19.64 -18.88
CA TRP A 458 22.21 20.79 -19.79
C TRP A 458 23.36 20.57 -20.75
N ARG A 459 24.51 20.17 -20.21
CA ARG A 459 25.64 19.76 -21.05
C ARG A 459 25.15 18.74 -22.10
N ARG A 460 24.47 17.66 -21.66
CA ARG A 460 23.96 16.60 -22.56
C ARG A 460 23.07 17.15 -23.69
N VAL A 461 22.38 18.27 -23.42
CA VAL A 461 21.55 18.93 -24.43
C VAL A 461 22.37 19.67 -25.49
N LEU A 462 23.14 20.69 -25.05
CA LEU A 462 23.93 21.52 -25.96
C LEU A 462 24.77 20.62 -26.87
N ALA A 463 25.53 19.74 -26.24
CA ALA A 463 26.39 18.81 -26.96
C ALA A 463 25.70 18.21 -28.21
N GLU A 464 24.38 18.06 -28.16
CA GLU A 464 23.65 17.52 -29.31
C GLU A 464 22.90 18.52 -30.17
N VAL A 465 22.64 19.71 -29.65
CA VAL A 465 21.70 20.63 -30.32
C VAL A 465 22.23 22.02 -30.65
N ASP A 466 23.19 22.52 -29.88
CA ASP A 466 23.64 23.90 -30.00
C ASP A 466 24.57 24.09 -31.19
N ARG A 467 24.00 24.40 -32.37
CA ARG A 467 24.80 24.54 -33.58
C ARG A 467 25.64 25.83 -33.52
N ASN A 468 25.04 27.01 -33.32
CA ASN A 468 25.89 28.23 -33.33
C ASN A 468 26.96 28.05 -32.31
N ASN A 469 26.58 27.47 -31.19
CA ASN A 469 27.47 27.26 -30.08
C ASN A 469 27.44 28.54 -29.26
N ASP A 470 26.23 29.08 -29.10
CA ASP A 470 26.01 30.35 -28.41
C ASP A 470 25.41 30.13 -27.02
N GLY A 471 25.41 28.89 -26.56
CA GLY A 471 24.94 28.56 -25.21
C GLY A 471 23.44 28.39 -25.02
N GLU A 472 22.65 28.56 -26.08
CA GLU A 472 21.18 28.39 -25.98
C GLU A 472 20.57 27.78 -27.25
N VAL A 473 19.30 27.43 -27.17
CA VAL A 473 18.63 26.77 -28.29
C VAL A 473 17.63 27.73 -28.90
N ASP A 474 17.91 28.15 -30.12
CA ASP A 474 16.98 29.01 -30.86
C ASP A 474 16.01 28.15 -31.67
N PHE A 475 15.11 28.81 -32.39
CA PHE A 475 14.00 28.09 -33.00
C PHE A 475 14.42 27.14 -34.13
N GLU A 476 15.59 27.36 -34.72
CA GLU A 476 16.00 26.51 -35.82
C GLU A 476 16.70 25.28 -35.26
N GLU A 477 17.48 25.49 -34.21
CA GLU A 477 18.15 24.40 -33.50
C GLU A 477 17.10 23.44 -32.92
N PHE A 478 16.04 24.03 -32.35
CA PHE A 478 14.89 23.30 -31.79
C PHE A 478 14.22 22.44 -32.86
N ARG A 479 14.08 23.01 -34.04
CA ARG A 479 13.40 22.36 -35.13
C ARG A 479 14.15 21.08 -35.58
N GLN A 480 15.46 21.21 -35.73
CA GLN A 480 16.32 20.10 -36.16
C GLN A 480 16.24 18.99 -35.14
N MET A 481 16.26 19.41 -33.87
CA MET A 481 16.32 18.52 -32.74
C MET A 481 15.21 17.49 -32.77
N LEU A 482 14.00 17.92 -33.04
CA LEU A 482 12.91 16.99 -33.13
C LEU A 482 12.81 16.37 -34.50
N LEU A 483 13.18 17.15 -35.53
CA LEU A 483 12.89 16.71 -36.89
C LEU A 483 13.70 15.49 -37.35
N LYS A 484 14.85 15.24 -36.74
CA LYS A 484 15.64 14.04 -37.05
C LYS A 484 14.84 12.75 -36.74
N LYS B 12 -0.58 11.52 21.25
CA LYS B 12 -0.10 10.66 22.38
C LYS B 12 1.31 10.19 22.13
N LEU B 13 2.05 10.03 23.22
CA LEU B 13 3.32 9.32 23.21
C LEU B 13 2.99 7.85 23.05
N ALA B 14 3.44 7.25 21.95
CA ALA B 14 2.99 5.93 21.58
C ALA B 14 3.78 4.88 22.35
N ALA B 15 3.08 4.08 23.15
CA ALA B 15 3.76 3.04 23.91
C ALA B 15 3.97 1.80 23.05
N THR B 16 5.23 1.39 22.90
CA THR B 16 5.54 0.21 22.09
C THR B 16 6.55 -0.63 22.85
N PRO B 17 6.49 -1.95 22.73
CA PRO B 17 7.52 -2.82 23.30
C PRO B 17 8.94 -2.39 22.97
N GLY B 18 9.19 -2.12 21.68
CA GLY B 18 10.52 -1.80 21.20
C GLY B 18 11.16 -0.58 21.85
N MET B 19 10.39 0.37 22.33
CA MET B 19 11.00 1.52 22.99
C MET B 19 11.74 1.16 24.28
N PHE B 20 11.36 0.05 24.89
CA PHE B 20 12.03 -0.40 26.09
C PHE B 20 13.46 -0.92 25.82
N VAL B 21 13.79 -1.26 24.59
CA VAL B 21 15.13 -1.73 24.31
C VAL B 21 15.95 -0.50 23.97
N GLN B 22 16.92 -0.18 24.81
CA GLN B 22 17.70 1.01 24.63
C GLN B 22 19.17 0.63 24.67
N HIS B 23 19.96 1.60 24.21
CA HIS B 23 21.38 1.53 24.21
C HIS B 23 21.80 1.72 25.63
N SER B 24 22.19 0.63 26.29
CA SER B 24 22.70 0.75 27.64
C SER B 24 24.21 1.06 27.57
N THR B 25 24.73 1.79 28.54
CA THR B 25 26.18 2.02 28.66
C THR B 25 26.64 1.58 30.06
N ALA B 26 25.93 0.58 30.60
CA ALA B 26 26.34 -0.13 31.79
C ALA B 26 27.15 -1.29 31.28
N ALA B 27 28.08 -1.79 32.09
CA ALA B 27 28.92 -2.86 31.62
C ALA B 27 28.14 -4.17 31.60
N PHE B 28 28.17 -4.85 30.46
CA PHE B 28 27.48 -6.11 30.33
C PHE B 28 27.84 -7.04 31.48
N SER B 29 29.14 -7.11 31.76
CA SER B 29 29.71 -7.95 32.85
C SER B 29 29.09 -7.66 34.21
N ASP B 30 28.75 -6.40 34.47
CA ASP B 30 28.09 -6.01 35.71
C ASP B 30 26.75 -6.67 35.94
N ARG B 31 26.06 -7.10 34.90
CA ARG B 31 24.79 -7.70 35.13
C ARG B 31 24.63 -9.15 34.66
N TYR B 32 25.55 -9.66 33.83
CA TYR B 32 25.35 -11.01 33.23
C TYR B 32 26.57 -11.83 33.34
N LYS B 33 26.38 -13.13 33.42
CA LYS B 33 27.50 -14.08 33.43
C LYS B 33 27.26 -15.20 32.42
N GLY B 34 28.35 -15.58 31.75
CA GLY B 34 28.26 -16.53 30.67
C GLY B 34 28.12 -17.92 31.22
N GLN B 35 27.28 -18.73 30.59
CA GLN B 35 27.10 -20.09 31.00
C GLN B 35 27.73 -21.04 30.00
N ARG B 36 27.44 -20.87 28.72
CA ARG B 36 27.90 -21.78 27.67
C ARG B 36 27.62 -21.21 26.28
N VAL B 37 28.31 -21.77 25.28
CA VAL B 37 28.16 -21.37 23.88
C VAL B 37 27.00 -22.13 23.24
N LEU B 38 26.14 -21.39 22.56
CA LEU B 38 25.00 -21.94 21.81
C LEU B 38 25.35 -22.10 20.34
N GLY B 39 26.15 -21.15 19.85
CA GLY B 39 26.64 -21.20 18.51
C GLY B 39 27.70 -20.13 18.33
N LYS B 40 28.45 -20.28 17.24
CA LYS B 40 29.58 -19.43 16.96
C LYS B 40 29.43 -18.99 15.51
N GLY B 41 29.69 -17.70 15.25
CA GLY B 41 29.61 -17.18 13.88
C GLY B 41 30.94 -16.63 13.41
N SER B 42 30.92 -15.93 12.29
CA SER B 42 32.09 -15.15 11.87
C SER B 42 32.22 -13.89 12.74
N PHE B 43 31.05 -13.30 13.06
CA PHE B 43 30.88 -12.11 13.91
C PHE B 43 31.47 -12.18 15.32
N GLY B 44 31.32 -13.35 15.95
CA GLY B 44 31.57 -13.57 17.39
C GLY B 44 30.84 -14.85 17.79
N GLU B 45 30.24 -14.87 18.97
CA GLU B 45 29.48 -16.05 19.43
C GLU B 45 28.13 -15.68 20.09
N VAL B 46 27.21 -16.65 20.11
CA VAL B 46 25.98 -16.54 20.88
C VAL B 46 26.10 -17.37 22.17
N ILE B 47 25.92 -16.69 23.30
CA ILE B 47 26.24 -17.18 24.61
C ILE B 47 25.04 -17.15 25.52
N LEU B 48 24.69 -18.31 26.11
CA LEU B 48 23.72 -18.39 27.21
C LEU B 48 24.24 -17.66 28.41
N CYS B 49 23.51 -16.68 28.89
CA CYS B 49 23.94 -15.91 30.04
C CYS B 49 22.84 -15.94 31.10
N LYS B 50 23.23 -15.65 32.32
CA LYS B 50 22.27 -15.46 33.37
C LYS B 50 22.39 -14.07 33.93
N ASP B 51 21.23 -13.47 34.24
CA ASP B 51 21.18 -12.26 35.08
C ASP B 51 21.80 -12.63 36.40
N LYS B 52 22.77 -11.85 36.85
CA LYS B 52 23.54 -12.24 38.00
C LYS B 52 22.69 -12.23 39.27
N VAL B 53 21.65 -11.38 39.27
CA VAL B 53 20.79 -11.20 40.43
C VAL B 53 19.53 -12.09 40.40
N THR B 54 18.81 -12.14 39.30
CA THR B 54 17.59 -12.95 39.20
C THR B 54 17.80 -14.38 38.77
N GLY B 55 18.97 -14.68 38.23
CA GLY B 55 19.29 -16.01 37.66
C GLY B 55 18.52 -16.38 36.39
N GLN B 56 17.78 -15.41 35.82
CA GLN B 56 16.98 -15.64 34.66
C GLN B 56 17.94 -15.75 33.51
N GLU B 57 17.62 -16.62 32.57
CA GLU B 57 18.53 -16.89 31.48
C GLU B 57 18.21 -16.18 30.17
N TYR B 58 19.25 -15.68 29.50
CA TYR B 58 19.13 -15.06 28.20
C TYR B 58 20.18 -15.55 27.23
N ALA B 59 19.96 -15.30 25.95
CA ALA B 59 20.93 -15.65 24.92
C ALA B 59 21.49 -14.36 24.42
N VAL B 60 22.79 -14.21 24.47
CA VAL B 60 23.36 -12.98 24.05
C VAL B 60 24.18 -13.19 22.82
N LYS B 61 23.91 -12.42 21.76
CA LYS B 61 24.77 -12.41 20.57
C LYS B 61 25.84 -11.37 20.79
N VAL B 62 27.08 -11.84 20.77
CA VAL B 62 28.25 -11.03 21.01
C VAL B 62 29.00 -10.84 19.69
N ILE B 63 29.34 -9.59 19.40
CA ILE B 63 29.94 -9.23 18.14
C ILE B 63 31.25 -8.53 18.43
N SER B 64 32.31 -9.08 17.88
CA SER B 64 33.60 -8.52 17.99
C SER B 64 33.73 -7.32 17.07
N LYS B 65 34.06 -6.17 17.64
CA LYS B 65 34.35 -5.00 16.81
C LYS B 65 35.70 -5.18 16.07
N ARG B 66 35.95 -4.35 15.06
CA ARG B 66 37.15 -4.47 14.22
C ARG B 66 37.81 -3.12 14.06
N GLN B 70 35.41 -0.61 11.09
CA GLN B 70 35.05 0.12 12.29
C GLN B 70 33.66 0.78 12.18
N LYS B 71 33.57 1.97 11.57
CA LYS B 71 32.30 2.77 11.49
C LYS B 71 31.18 2.16 10.61
N THR B 72 31.56 1.53 9.50
CA THR B 72 30.64 0.80 8.59
C THR B 72 29.86 -0.33 9.28
N ASP B 73 30.56 -1.06 10.15
CA ASP B 73 30.00 -2.25 10.84
C ASP B 73 28.78 -1.86 11.70
N LYS B 74 28.93 -0.78 12.44
CA LYS B 74 27.93 -0.35 13.43
C LYS B 74 26.59 0.01 12.82
N GLU B 75 26.57 0.98 11.91
CA GLU B 75 25.29 1.44 11.33
C GLU B 75 24.52 0.29 10.70
N LEU B 76 25.24 -0.70 10.17
CA LEU B 76 24.59 -1.84 9.55
C LEU B 76 23.81 -2.61 10.58
N LEU B 77 24.41 -2.74 11.74
CA LEU B 77 23.81 -3.43 12.87
C LEU B 77 22.68 -2.60 13.44
N LEU B 78 22.96 -1.36 13.84
CA LEU B 78 21.91 -0.52 14.40
C LEU B 78 20.59 -0.71 13.67
N LYS B 79 20.66 -0.92 12.36
CA LYS B 79 19.45 -1.14 11.59
C LYS B 79 18.82 -2.53 11.84
N GLU B 80 19.60 -3.61 11.96
CA GLU B 80 19.03 -4.93 12.31
C GLU B 80 18.32 -4.81 13.67
N VAL B 81 18.88 -4.02 14.58
CA VAL B 81 18.31 -3.85 15.91
C VAL B 81 16.98 -3.08 15.80
N GLU B 82 17.00 -1.98 15.06
CA GLU B 82 15.81 -1.13 14.94
C GLU B 82 14.65 -1.91 14.33
N LEU B 83 14.96 -2.75 13.36
CA LEU B 83 13.98 -3.61 12.73
C LEU B 83 13.35 -4.55 13.73
N LEU B 84 14.20 -5.09 14.59
CA LEU B 84 13.72 -6.05 15.56
C LEU B 84 12.90 -5.42 16.66
N LYS B 85 13.23 -4.18 17.04
CA LYS B 85 12.41 -3.43 17.97
C LYS B 85 10.97 -3.31 17.50
N LYS B 86 10.77 -3.13 16.21
CA LYS B 86 9.43 -2.93 15.67
C LYS B 86 8.60 -4.20 15.56
N LEU B 87 9.22 -5.35 15.72
CA LEU B 87 8.51 -6.59 15.54
C LEU B 87 8.10 -7.18 16.89
N ASP B 88 6.80 -7.48 17.00
CA ASP B 88 6.14 -7.80 18.26
C ASP B 88 5.08 -8.85 17.89
N HIS B 89 5.56 -10.09 17.80
CA HIS B 89 4.78 -11.19 17.28
C HIS B 89 5.22 -12.50 17.93
N PRO B 90 4.25 -13.41 18.20
CA PRO B 90 4.54 -14.66 18.89
C PRO B 90 5.51 -15.64 18.23
N ASN B 91 5.67 -15.56 16.91
CA ASN B 91 6.63 -16.41 16.18
C ASN B 91 7.88 -15.68 15.68
N ILE B 92 8.18 -14.52 16.27
CA ILE B 92 9.36 -13.77 15.92
C ILE B 92 10.21 -13.54 17.17
N MET B 93 11.49 -13.53 16.96
CA MET B 93 12.44 -13.36 18.00
C MET B 93 12.17 -12.11 18.80
N LYS B 94 12.28 -12.22 20.11
CA LYS B 94 12.16 -11.14 21.05
C LYS B 94 13.55 -10.67 21.51
N LEU B 95 13.73 -9.34 21.46
CA LEU B 95 14.97 -8.69 21.85
C LEU B 95 14.74 -7.96 23.16
N TYR B 96 15.64 -8.10 24.14
CA TYR B 96 15.45 -7.39 25.41
C TYR B 96 16.27 -6.11 25.51
N GLU B 97 17.56 -6.16 25.18
CA GLU B 97 18.38 -4.93 25.19
C GLU B 97 19.71 -5.13 24.49
N PHE B 98 20.44 -4.02 24.33
CA PHE B 98 21.79 -4.16 23.79
C PHE B 98 22.85 -3.28 24.45
N PHE B 99 24.00 -3.90 24.71
CA PHE B 99 25.15 -3.26 25.37
C PHE B 99 26.28 -3.10 24.35
N GLU B 100 27.01 -1.99 24.46
CA GLU B 100 28.17 -1.74 23.63
C GLU B 100 29.36 -1.49 24.51
N ASP B 101 30.46 -2.05 24.05
CA ASP B 101 31.70 -2.07 24.75
C ASP B 101 32.76 -1.39 23.91
N LYS B 102 33.89 -1.15 24.54
CA LYS B 102 35.10 -0.77 23.84
C LYS B 102 35.40 -1.80 22.73
N GLY B 103 35.21 -3.10 22.99
CA GLY B 103 35.54 -4.12 21.98
C GLY B 103 34.38 -4.89 21.37
N TYR B 104 33.16 -4.64 21.84
CA TYR B 104 32.10 -5.60 21.63
C TYR B 104 30.69 -5.01 21.64
N PHE B 105 29.77 -5.75 21.05
CA PHE B 105 28.36 -5.45 21.11
C PHE B 105 27.70 -6.65 21.72
N TYR B 106 26.68 -6.43 22.55
CA TYR B 106 25.97 -7.56 23.10
C TYR B 106 24.53 -7.30 22.87
N LEU B 107 23.86 -8.30 22.32
CA LEU B 107 22.48 -8.17 21.97
C LEU B 107 21.78 -9.19 22.76
N VAL B 108 21.28 -8.81 23.91
CA VAL B 108 20.62 -9.75 24.79
C VAL B 108 19.26 -10.12 24.29
N THR B 109 18.86 -11.38 24.37
CA THR B 109 17.53 -11.72 23.90
C THR B 109 16.95 -12.87 24.60
N GLU B 110 15.69 -13.12 24.37
CA GLU B 110 15.02 -14.26 24.98
C GLU B 110 15.76 -15.43 24.42
N VAL B 111 15.64 -16.58 25.05
CA VAL B 111 16.38 -17.74 24.66
C VAL B 111 15.39 -18.85 24.42
N TYR B 112 15.60 -19.57 23.34
CA TYR B 112 14.77 -20.68 23.01
C TYR B 112 15.69 -21.86 23.15
N THR B 113 15.26 -22.81 23.98
CA THR B 113 16.10 -23.91 24.33
C THR B 113 15.78 -25.16 23.56
N GLY B 114 14.87 -25.11 22.59
CA GLY B 114 14.47 -26.30 21.84
C GLY B 114 15.36 -26.61 20.67
N GLY B 115 16.25 -25.67 20.35
CA GLY B 115 17.20 -25.86 19.27
C GLY B 115 16.59 -25.60 17.91
N GLU B 116 17.41 -25.84 16.88
CA GLU B 116 17.05 -25.54 15.50
C GLU B 116 16.09 -26.58 14.97
N LEU B 117 15.14 -26.15 14.17
CA LEU B 117 14.25 -27.08 13.54
C LEU B 117 15.05 -27.99 12.64
N PHE B 118 16.17 -27.49 12.09
CA PHE B 118 17.12 -28.33 11.34
C PHE B 118 17.50 -29.63 12.05
N ASP B 119 17.84 -29.53 13.35
CA ASP B 119 18.24 -30.71 14.12
C ASP B 119 17.05 -31.66 14.34
N GLU B 120 15.88 -31.06 14.47
CA GLU B 120 14.68 -31.84 14.63
C GLU B 120 14.35 -32.59 13.37
N ILE B 121 14.64 -31.99 12.22
CA ILE B 121 14.41 -32.67 10.97
C ILE B 121 15.43 -33.79 10.77
N ILE B 122 16.71 -33.56 11.12
CA ILE B 122 17.70 -34.66 11.04
C ILE B 122 17.47 -35.77 12.07
N SER B 123 16.58 -35.56 13.03
CA SER B 123 16.33 -36.54 14.07
C SER B 123 15.04 -37.30 13.75
N ARG B 124 13.98 -36.53 13.59
CA ARG B 124 12.64 -37.04 13.30
C ARG B 124 12.50 -37.50 11.86
N LYS B 125 13.28 -36.92 10.96
CA LYS B 125 13.34 -37.35 9.54
C LYS B 125 12.18 -36.85 8.68
N ARG B 126 10.97 -37.09 9.15
CA ARG B 126 9.75 -36.75 8.45
C ARG B 126 8.84 -36.10 9.48
N PHE B 127 7.77 -35.44 9.04
CA PHE B 127 6.86 -34.80 9.98
C PHE B 127 5.44 -35.10 9.57
N SER B 128 4.58 -35.38 10.54
CA SER B 128 3.20 -35.72 10.22
C SER B 128 2.54 -34.48 9.63
N GLU B 129 1.42 -34.65 8.91
CA GLU B 129 0.71 -33.47 8.37
C GLU B 129 0.26 -32.53 9.48
N VAL B 130 -0.14 -33.07 10.63
CA VAL B 130 -0.52 -32.22 11.73
C VAL B 130 0.65 -31.33 12.16
N ASP B 131 1.79 -31.96 12.47
CA ASP B 131 2.95 -31.22 12.98
C ASP B 131 3.45 -30.17 11.98
N ALA B 132 3.54 -30.58 10.73
CA ALA B 132 4.00 -29.70 9.68
C ALA B 132 3.07 -28.51 9.50
N ALA B 133 1.75 -28.74 9.53
CA ALA B 133 0.77 -27.66 9.36
C ALA B 133 0.86 -26.63 10.46
N ARG B 134 1.02 -27.09 11.69
CA ARG B 134 1.16 -26.17 12.82
C ARG B 134 2.43 -25.34 12.69
N ILE B 135 3.49 -26.00 12.27
CA ILE B 135 4.76 -25.33 12.14
C ILE B 135 4.71 -24.33 11.00
N ILE B 136 4.25 -24.76 9.83
CA ILE B 136 4.23 -23.85 8.70
C ILE B 136 3.22 -22.71 8.93
N ARG B 137 2.12 -22.99 9.61
CA ARG B 137 1.13 -21.95 9.82
C ARG B 137 1.74 -20.82 10.64
N GLN B 138 2.58 -21.22 11.61
CA GLN B 138 3.23 -20.28 12.51
C GLN B 138 4.21 -19.47 11.72
N VAL B 139 5.03 -20.15 10.92
CA VAL B 139 6.05 -19.47 10.16
C VAL B 139 5.35 -18.48 9.25
N LEU B 140 4.25 -18.90 8.64
CA LEU B 140 3.54 -18.05 7.69
C LEU B 140 2.93 -16.86 8.40
N SER B 141 2.48 -17.06 9.65
CA SER B 141 1.93 -15.95 10.44
C SER B 141 2.98 -14.91 10.74
N GLY B 142 4.16 -15.37 11.11
CA GLY B 142 5.31 -14.48 11.32
C GLY B 142 5.63 -13.65 10.08
N ILE B 143 5.76 -14.30 8.95
CA ILE B 143 6.07 -13.54 7.72
C ILE B 143 4.91 -12.72 7.15
N THR B 144 3.69 -13.16 7.37
CA THR B 144 2.52 -12.36 6.97
C THR B 144 2.58 -11.00 7.69
N TYR B 145 2.83 -11.09 8.98
CA TYR B 145 3.01 -9.92 9.80
C TYR B 145 4.13 -9.04 9.26
N MET B 146 5.26 -9.68 8.93
CA MET B 146 6.45 -8.96 8.48
C MET B 146 6.15 -8.23 7.21
N HIS B 147 5.56 -8.95 6.28
CA HIS B 147 5.24 -8.35 4.99
C HIS B 147 4.22 -7.22 5.13
N LYS B 148 3.27 -7.36 6.06
CA LYS B 148 2.36 -6.27 6.40
C LYS B 148 3.11 -5.02 6.85
N ASN B 149 4.27 -5.21 7.48
CA ASN B 149 5.09 -4.10 7.92
C ASN B 149 6.19 -3.79 6.94
N LYS B 150 6.03 -4.28 5.72
CA LYS B 150 7.01 -4.01 4.66
C LYS B 150 8.47 -4.43 5.01
N ILE B 151 8.57 -5.62 5.58
CA ILE B 151 9.83 -6.16 5.96
C ILE B 151 9.92 -7.57 5.42
N VAL B 152 11.06 -7.90 4.81
CA VAL B 152 11.25 -9.19 4.18
C VAL B 152 12.43 -9.85 4.83
N HIS B 153 12.31 -11.14 5.09
CA HIS B 153 13.29 -11.80 5.94
C HIS B 153 14.52 -12.22 5.18
N ARG B 154 14.29 -12.96 4.07
CA ARG B 154 15.27 -13.23 3.01
C ARG B 154 16.20 -14.42 3.24
N ASP B 155 16.28 -14.94 4.47
CA ASP B 155 17.06 -16.16 4.71
C ASP B 155 16.38 -17.17 5.58
N LEU B 156 15.18 -17.53 5.17
CA LEU B 156 14.38 -18.49 5.90
C LEU B 156 14.85 -19.86 5.61
N LYS B 157 15.03 -20.62 6.68
CA LYS B 157 15.49 -21.99 6.62
C LYS B 157 15.39 -22.57 8.00
N PRO B 158 15.35 -23.89 8.11
CA PRO B 158 15.26 -24.55 9.41
C PRO B 158 16.37 -24.16 10.39
N GLU B 159 17.51 -23.73 9.85
CA GLU B 159 18.63 -23.30 10.70
C GLU B 159 18.25 -22.04 11.42
N ASN B 160 17.33 -21.26 10.83
CA ASN B 160 16.89 -19.98 11.39
C ASN B 160 15.49 -20.01 11.98
N LEU B 161 15.05 -21.20 12.32
CA LEU B 161 13.84 -21.40 13.05
C LEU B 161 14.11 -22.21 14.34
N LEU B 162 13.82 -21.62 15.50
CA LEU B 162 14.06 -22.24 16.78
C LEU B 162 12.77 -22.66 17.43
N LEU B 163 12.82 -23.81 18.09
CA LEU B 163 11.73 -24.24 18.92
C LEU B 163 11.93 -23.63 20.33
N GLU B 164 10.85 -23.10 20.88
CA GLU B 164 10.87 -22.43 22.20
C GLU B 164 11.48 -23.26 23.34
N ASN B 165 11.13 -24.53 23.39
CA ASN B 165 11.61 -25.40 24.44
C ASN B 165 11.65 -26.83 23.94
N LYS B 166 11.93 -27.79 24.81
CA LYS B 166 12.02 -29.20 24.43
C LYS B 166 10.67 -29.97 24.44
N ARG B 167 9.59 -29.25 24.59
CA ARG B 167 8.29 -29.84 24.43
C ARG B 167 8.10 -30.38 23.05
N LYS B 168 7.23 -31.36 22.99
CA LYS B 168 6.91 -32.11 21.80
C LYS B 168 6.40 -31.23 20.66
N ASP B 169 5.41 -30.37 20.95
CA ASP B 169 4.76 -29.50 19.95
C ASP B 169 5.16 -28.06 20.14
N ALA B 170 6.44 -27.82 20.34
CA ALA B 170 6.87 -26.51 20.75
C ALA B 170 6.59 -25.45 19.68
N ASN B 171 6.34 -24.26 20.19
CA ASN B 171 6.10 -23.10 19.37
C ASN B 171 7.38 -22.75 18.56
N ILE B 172 7.23 -22.16 17.38
CA ILE B 172 8.38 -21.77 16.59
C ILE B 172 8.74 -20.29 16.69
N ARG B 173 10.02 -20.00 16.75
CA ARG B 173 10.51 -18.62 16.54
C ARG B 173 11.45 -18.47 15.32
N ILE B 174 11.12 -17.49 14.48
CA ILE B 174 11.96 -17.02 13.41
C ILE B 174 13.09 -16.19 13.99
N ILE B 175 14.31 -16.43 13.55
CA ILE B 175 15.43 -15.64 14.04
C ILE B 175 16.27 -15.02 12.92
N ASP B 176 17.29 -14.26 13.31
CA ASP B 176 18.38 -13.78 12.46
C ASP B 176 17.88 -12.93 11.32
N PHE B 177 17.57 -11.72 11.71
CA PHE B 177 17.12 -10.74 10.76
C PHE B 177 18.25 -9.96 10.12
N GLY B 178 19.47 -10.51 10.13
CA GLY B 178 20.66 -9.80 9.61
C GLY B 178 20.65 -9.55 8.10
N LEU B 179 19.89 -10.37 7.37
CA LEU B 179 19.73 -10.22 5.95
C LEU B 179 18.41 -9.60 5.51
N SER B 180 17.56 -9.36 6.50
CA SER B 180 16.25 -8.78 6.31
C SER B 180 16.29 -7.31 5.91
N THR B 181 15.25 -6.81 5.27
CA THR B 181 15.25 -5.40 4.83
C THR B 181 13.85 -4.86 4.65
N HIS B 182 13.77 -3.55 4.56
CA HIS B 182 12.52 -2.94 4.16
C HIS B 182 12.37 -3.07 2.68
N PHE B 183 11.15 -3.32 2.20
CA PHE B 183 10.88 -3.29 0.77
C PHE B 183 9.73 -2.35 0.46
N GLU B 184 9.77 -1.73 -0.72
CA GLU B 184 8.69 -0.85 -1.18
C GLU B 184 8.07 -1.52 -2.38
N SER B 185 6.75 -1.48 -2.48
CA SER B 185 6.09 -2.06 -3.64
C SER B 185 6.40 -1.29 -4.96
N THR B 186 6.97 -0.08 -4.88
CA THR B 186 7.40 0.71 -6.06
C THR B 186 8.60 0.09 -6.77
N LYS B 187 9.64 -0.24 -6.01
CA LYS B 187 10.90 -0.73 -6.56
C LYS B 187 11.09 -2.18 -6.23
N LYS B 188 12.06 -2.80 -6.87
CA LYS B 188 12.33 -4.18 -6.56
C LYS B 188 13.73 -4.36 -6.07
N MET B 189 13.93 -5.44 -5.31
CA MET B 189 15.24 -5.73 -4.75
C MET B 189 16.11 -6.50 -5.76
N LYS B 190 17.43 -6.28 -5.69
CA LYS B 190 18.37 -6.94 -6.61
C LYS B 190 19.43 -7.86 -5.93
N ASP B 191 19.88 -7.51 -4.73
CA ASP B 191 20.89 -8.30 -4.04
C ASP B 191 20.63 -9.81 -3.90
N LYS B 192 21.66 -10.63 -4.13
CA LYS B 192 21.53 -12.08 -4.01
C LYS B 192 21.79 -12.51 -2.60
N ILE B 193 20.76 -13.04 -1.96
CA ILE B 193 20.75 -13.31 -0.53
C ILE B 193 19.80 -14.49 -0.25
N GLY B 194 20.27 -15.42 0.56
CA GLY B 194 19.53 -16.65 0.80
C GLY B 194 20.52 -17.78 1.02
N THR B 195 19.97 -18.98 1.00
CA THR B 195 20.73 -20.18 1.22
C THR B 195 20.34 -21.13 0.09
N ALA B 196 21.34 -21.83 -0.40
CA ALA B 196 21.26 -22.67 -1.58
C ALA B 196 19.91 -23.35 -1.84
N TYR B 197 19.50 -24.22 -0.92
CA TYR B 197 18.27 -25.01 -1.13
C TYR B 197 17.00 -24.18 -1.15
N TYR B 198 17.03 -23.08 -0.41
CA TYR B 198 15.81 -22.34 -0.05
C TYR B 198 15.65 -21.04 -0.82
N ILE B 199 16.62 -20.76 -1.70
CA ILE B 199 16.63 -19.48 -2.39
C ILE B 199 15.61 -19.52 -3.51
N ALA B 200 14.89 -18.41 -3.70
CA ALA B 200 13.88 -18.29 -4.78
C ALA B 200 14.52 -17.93 -6.09
N PRO B 201 13.96 -18.43 -7.19
CA PRO B 201 14.65 -18.23 -8.48
C PRO B 201 14.84 -16.77 -8.88
N GLU B 202 13.83 -15.93 -8.65
CA GLU B 202 13.98 -14.50 -8.87
C GLU B 202 15.16 -13.85 -8.10
N VAL B 203 15.59 -14.39 -6.96
CA VAL B 203 16.72 -13.76 -6.26
C VAL B 203 17.98 -13.95 -7.11
N LEU B 204 18.11 -15.12 -7.74
CA LEU B 204 19.30 -15.40 -8.56
C LEU B 204 19.24 -14.49 -9.78
N HIS B 205 18.01 -14.21 -10.23
CA HIS B 205 17.78 -13.40 -11.38
C HIS B 205 18.05 -11.92 -11.13
N GLY B 206 17.87 -11.45 -9.89
CA GLY B 206 18.23 -10.08 -9.55
C GLY B 206 17.06 -9.14 -9.43
N THR B 207 15.85 -9.66 -9.56
CA THR B 207 14.65 -8.87 -9.36
C THR B 207 13.67 -9.59 -8.49
N TYR B 208 13.49 -9.12 -7.26
CA TYR B 208 12.60 -9.87 -6.35
C TYR B 208 11.84 -8.97 -5.38
N ASP B 209 10.84 -9.58 -4.76
CA ASP B 209 10.08 -8.93 -3.71
C ASP B 209 9.78 -9.93 -2.60
N GLU B 210 8.85 -9.59 -1.73
CA GLU B 210 8.58 -10.41 -0.55
C GLU B 210 8.20 -11.86 -0.84
N LYS B 211 7.76 -12.16 -2.06
CA LYS B 211 7.34 -13.51 -2.36
C LYS B 211 8.51 -14.46 -2.38
N CYS B 212 9.74 -13.97 -2.32
CA CYS B 212 10.87 -14.88 -2.11
C CYS B 212 10.77 -15.65 -0.80
N ASP B 213 10.28 -14.98 0.26
CA ASP B 213 10.01 -15.61 1.57
C ASP B 213 8.96 -16.68 1.44
N VAL B 214 7.99 -16.47 0.57
CA VAL B 214 7.00 -17.52 0.36
C VAL B 214 7.63 -18.78 -0.21
N TRP B 215 8.41 -18.61 -1.28
CA TRP B 215 9.15 -19.72 -1.87
C TRP B 215 10.01 -20.44 -0.84
N SER B 216 10.79 -19.70 -0.07
CA SER B 216 11.60 -20.33 0.99
C SER B 216 10.75 -21.23 1.86
N THR B 217 9.63 -20.68 2.35
CA THR B 217 8.73 -21.39 3.28
C THR B 217 8.07 -22.58 2.59
N GLY B 218 7.92 -22.49 1.26
CA GLY B 218 7.41 -23.57 0.45
C GLY B 218 8.40 -24.70 0.42
N VAL B 219 9.67 -24.36 0.31
CA VAL B 219 10.74 -25.36 0.32
C VAL B 219 10.75 -26.04 1.67
N ILE B 220 10.65 -25.24 2.72
CA ILE B 220 10.57 -25.79 4.08
C ILE B 220 9.44 -26.79 4.22
N LEU B 221 8.26 -26.46 3.71
CA LEU B 221 7.13 -27.37 3.84
C LEU B 221 7.38 -28.70 3.12
N TYR B 222 7.95 -28.61 1.92
CA TYR B 222 8.25 -29.81 1.12
C TYR B 222 9.18 -30.76 1.91
N ILE B 223 10.19 -30.15 2.54
CA ILE B 223 11.15 -30.87 3.36
C ILE B 223 10.49 -31.49 4.60
N LEU B 224 9.69 -30.71 5.31
CA LEU B 224 9.07 -31.23 6.49
C LEU B 224 8.29 -32.50 6.17
N LEU B 225 7.54 -32.50 5.07
CA LEU B 225 6.64 -33.63 4.78
C LEU B 225 7.36 -34.84 4.24
N SER B 226 8.41 -34.63 3.46
CA SER B 226 9.06 -35.73 2.74
C SER B 226 10.44 -36.15 3.25
N GLY B 227 11.10 -35.25 3.98
CA GLY B 227 12.42 -35.51 4.48
C GLY B 227 13.51 -35.07 3.54
N CYS B 228 13.17 -34.72 2.30
CA CYS B 228 14.17 -34.31 1.30
C CYS B 228 13.96 -32.92 0.68
N PRO B 229 15.05 -32.24 0.26
CA PRO B 229 14.84 -30.98 -0.45
C PRO B 229 14.26 -31.22 -1.84
N PRO B 230 13.43 -30.27 -2.32
CA PRO B 230 12.83 -30.41 -3.64
C PRO B 230 13.80 -30.12 -4.78
N PHE B 231 14.84 -29.33 -4.48
CA PHE B 231 15.88 -28.97 -5.44
C PHE B 231 17.22 -29.41 -4.94
N ASN B 232 17.82 -30.38 -5.61
CA ASN B 232 19.01 -30.99 -5.06
C ASN B 232 20.18 -31.02 -6.06
N GLY B 233 21.34 -31.50 -5.60
CA GLY B 233 22.50 -31.68 -6.45
C GLY B 233 23.76 -32.01 -5.68
N ALA B 234 24.83 -32.26 -6.42
CA ALA B 234 26.09 -32.65 -5.82
C ALA B 234 26.76 -31.58 -4.94
N ASN B 235 26.49 -30.29 -5.19
CA ASN B 235 27.22 -29.16 -4.54
C ASN B 235 26.52 -27.83 -4.78
N GLU B 236 26.99 -26.72 -4.19
CA GLU B 236 26.18 -25.50 -4.22
C GLU B 236 25.77 -25.07 -5.62
N PHE B 237 26.74 -24.99 -6.52
CA PHE B 237 26.44 -24.54 -7.86
C PHE B 237 25.38 -25.38 -8.54
N ASP B 238 25.54 -26.71 -8.49
CA ASP B 238 24.53 -27.64 -9.02
C ASP B 238 23.17 -27.38 -8.50
N ILE B 239 23.09 -27.12 -7.22
CA ILE B 239 21.81 -26.95 -6.57
C ILE B 239 21.17 -25.67 -7.13
N LEU B 240 21.93 -24.58 -7.14
CA LEU B 240 21.47 -23.33 -7.72
C LEU B 240 20.98 -23.45 -9.17
N LYS B 241 21.65 -24.29 -9.97
CA LYS B 241 21.18 -24.55 -11.34
C LYS B 241 19.82 -25.19 -11.34
N LYS B 242 19.63 -26.18 -10.45
CA LYS B 242 18.38 -26.92 -10.36
C LYS B 242 17.31 -26.00 -9.91
N VAL B 243 17.65 -25.24 -8.87
CA VAL B 243 16.73 -24.27 -8.26
C VAL B 243 16.22 -23.33 -9.32
N GLU B 244 17.16 -22.82 -10.12
CA GLU B 244 16.85 -21.75 -11.04
C GLU B 244 15.93 -22.22 -12.12
N LYS B 245 15.97 -23.51 -12.48
CA LYS B 245 15.05 -24.06 -13.45
C LYS B 245 13.69 -24.38 -12.84
N GLY B 246 13.64 -24.52 -11.52
CA GLY B 246 12.37 -24.46 -10.79
C GLY B 246 11.52 -25.70 -10.81
N LYS B 247 11.89 -26.71 -11.58
CA LYS B 247 11.06 -27.89 -11.74
C LYS B 247 11.33 -28.83 -10.60
N PHE B 248 10.25 -29.37 -10.02
CA PHE B 248 10.33 -30.30 -8.88
C PHE B 248 9.26 -31.36 -9.02
N THR B 249 9.34 -32.39 -8.19
CA THR B 249 8.54 -33.57 -8.41
C THR B 249 7.90 -34.07 -7.10
N PHE B 250 6.72 -34.71 -7.18
CA PHE B 250 6.18 -35.46 -6.04
C PHE B 250 6.30 -36.94 -6.31
N ASP B 251 7.40 -37.33 -6.95
CA ASP B 251 7.56 -38.66 -7.49
C ASP B 251 8.15 -39.62 -6.48
N LEU B 252 8.66 -39.13 -5.35
CA LEU B 252 9.25 -40.01 -4.35
C LEU B 252 8.19 -40.82 -3.60
N PRO B 253 8.54 -42.06 -3.22
CA PRO B 253 7.53 -42.95 -2.63
C PRO B 253 6.78 -42.36 -1.42
N GLN B 254 7.47 -41.54 -0.62
CA GLN B 254 6.92 -40.99 0.62
C GLN B 254 5.77 -40.02 0.40
N TRP B 255 5.66 -39.48 -0.81
CA TRP B 255 4.58 -38.58 -1.16
C TRP B 255 3.24 -39.27 -1.34
N LYS B 256 3.21 -40.59 -1.58
CA LYS B 256 1.95 -41.32 -1.76
C LYS B 256 1.09 -41.22 -0.49
N LYS B 257 1.74 -41.14 0.65
CA LYS B 257 1.04 -41.06 1.91
C LYS B 257 0.50 -39.65 2.24
N VAL B 258 0.86 -38.62 1.47
CA VAL B 258 0.52 -37.22 1.82
C VAL B 258 -0.71 -36.77 1.04
N SER B 259 -1.60 -36.00 1.67
CA SER B 259 -2.87 -35.62 1.05
C SER B 259 -2.68 -34.59 -0.05
N GLU B 260 -3.62 -34.59 -1.00
CA GLU B 260 -3.55 -33.70 -2.17
C GLU B 260 -3.54 -32.23 -1.80
N PRO B 261 -4.33 -31.83 -0.79
CA PRO B 261 -4.37 -30.43 -0.42
C PRO B 261 -3.03 -29.87 0.09
N ALA B 262 -2.24 -30.69 0.77
CA ALA B 262 -0.89 -30.28 1.16
C ALA B 262 -0.04 -30.00 -0.10
N LYS B 263 -0.15 -30.86 -1.09
CA LYS B 263 0.63 -30.68 -2.31
C LYS B 263 0.14 -29.46 -3.08
N ASP B 264 -1.16 -29.23 -3.09
CA ASP B 264 -1.70 -28.06 -3.75
C ASP B 264 -1.11 -26.79 -3.19
N LEU B 265 -1.08 -26.70 -1.87
CA LEU B 265 -0.44 -25.57 -1.18
C LEU B 265 1.04 -25.42 -1.60
N ILE B 266 1.79 -26.51 -1.58
CA ILE B 266 3.18 -26.50 -2.00
C ILE B 266 3.34 -26.00 -3.45
N ARG B 267 2.55 -26.53 -4.37
CA ARG B 267 2.63 -26.03 -5.73
C ARG B 267 2.42 -24.53 -5.76
N LYS B 268 1.42 -24.03 -5.04
CA LYS B 268 1.13 -22.59 -5.07
C LYS B 268 2.24 -21.75 -4.45
N MET B 269 2.97 -22.35 -3.51
CA MET B 269 4.04 -21.65 -2.78
C MET B 269 5.34 -21.72 -3.54
N LEU B 270 5.54 -22.79 -4.30
CA LEU B 270 6.67 -22.90 -5.25
C LEU B 270 6.28 -22.60 -6.73
N ALA B 271 5.31 -21.72 -6.91
CA ALA B 271 4.92 -21.30 -8.24
C ALA B 271 6.07 -20.51 -8.79
N TYR B 272 6.55 -20.85 -9.98
CA TYR B 272 7.75 -20.22 -10.52
C TYR B 272 7.61 -18.72 -10.71
N VAL B 273 6.47 -18.31 -11.27
CA VAL B 273 6.23 -16.93 -11.63
C VAL B 273 5.75 -16.19 -10.39
N PRO B 274 6.48 -15.16 -9.91
CA PRO B 274 6.14 -14.48 -8.65
C PRO B 274 4.73 -13.94 -8.55
N THR B 275 4.23 -13.32 -9.61
CA THR B 275 2.90 -12.75 -9.60
C THR B 275 1.81 -13.81 -9.47
N MET B 276 2.08 -15.04 -9.89
CA MET B 276 1.13 -16.16 -9.75
C MET B 276 1.36 -16.97 -8.49
N ARG B 277 2.38 -16.61 -7.73
CA ARG B 277 2.69 -17.29 -6.51
C ARG B 277 1.78 -16.73 -5.43
N ILE B 278 1.24 -17.61 -4.60
CA ILE B 278 0.38 -17.22 -3.48
C ILE B 278 1.14 -16.35 -2.49
N SER B 279 0.46 -15.39 -1.87
CA SER B 279 1.11 -14.52 -0.88
C SER B 279 1.13 -15.23 0.46
N ALA B 280 1.90 -14.70 1.41
CA ALA B 280 1.84 -15.22 2.79
C ALA B 280 0.44 -15.10 3.37
N ARG B 281 -0.12 -13.90 3.22
CA ARG B 281 -1.44 -13.66 3.73
C ARG B 281 -2.45 -14.68 3.22
N ASP B 282 -2.41 -15.01 1.94
CA ASP B 282 -3.40 -15.94 1.38
C ASP B 282 -3.07 -17.38 1.69
N ALA B 283 -1.78 -17.66 1.85
CA ALA B 283 -1.36 -18.98 2.25
C ALA B 283 -2.04 -19.37 3.56
N LEU B 284 -2.09 -18.46 4.53
CA LEU B 284 -2.68 -18.78 5.85
C LEU B 284 -4.08 -19.31 5.73
N GLU B 285 -4.82 -18.86 4.71
CA GLU B 285 -6.26 -19.21 4.59
C GLU B 285 -6.47 -20.55 3.84
N HIS B 286 -5.39 -21.20 3.38
CA HIS B 286 -5.52 -22.48 2.67
C HIS B 286 -6.19 -23.56 3.51
N GLU B 287 -6.99 -24.38 2.84
CA GLU B 287 -7.73 -25.48 3.47
C GLU B 287 -6.86 -26.27 4.43
N TRP B 288 -5.75 -26.76 3.91
CA TRP B 288 -4.82 -27.63 4.64
C TRP B 288 -4.35 -27.03 5.97
N LEU B 289 -4.04 -25.74 6.00
CA LEU B 289 -3.51 -25.15 7.22
C LEU B 289 -4.63 -24.97 8.27
N LYS B 290 -5.86 -24.81 7.80
CA LYS B 290 -6.97 -24.39 8.66
C LYS B 290 -7.66 -25.53 9.36
N THR B 291 -6.93 -26.58 9.70
CA THR B 291 -7.53 -27.71 10.42
C THR B 291 -7.77 -27.26 11.90
N SER B 298 -9.14 -27.42 21.51
CA SER B 298 -10.03 -26.36 21.95
C SER B 298 -9.51 -25.68 23.24
N ILE B 299 -10.36 -24.85 23.87
CA ILE B 299 -10.00 -24.05 25.05
C ILE B 299 -11.09 -24.19 26.11
N ASP B 300 -10.69 -24.23 27.38
CA ASP B 300 -11.67 -24.23 28.47
C ASP B 300 -12.38 -22.87 28.50
N VAL B 301 -13.71 -22.96 28.70
CA VAL B 301 -14.57 -21.77 28.74
C VAL B 301 -14.17 -20.84 29.88
N PRO B 302 -13.88 -21.37 31.07
CA PRO B 302 -13.48 -20.49 32.15
C PRO B 302 -12.29 -19.61 31.82
N SER B 303 -11.22 -20.16 31.26
CA SER B 303 -10.06 -19.34 30.97
C SER B 303 -10.43 -18.31 29.90
N LEU B 304 -11.18 -18.74 28.88
CA LEU B 304 -11.62 -17.81 27.83
C LEU B 304 -12.44 -16.66 28.41
N GLU B 305 -13.31 -17.00 29.34
CA GLU B 305 -14.21 -16.05 29.96
C GLU B 305 -13.40 -15.03 30.75
N SER B 306 -12.46 -15.48 31.59
CA SER B 306 -11.62 -14.58 32.41
C SER B 306 -10.87 -13.62 31.52
N THR B 307 -10.28 -14.13 30.47
CA THR B 307 -9.44 -13.34 29.60
C THR B 307 -10.28 -12.26 28.94
N ILE B 308 -11.46 -12.63 28.45
CA ILE B 308 -12.37 -11.67 27.85
C ILE B 308 -12.83 -10.64 28.87
N LEU B 309 -13.13 -11.10 30.07
CA LEU B 309 -13.53 -10.21 31.16
C LEU B 309 -12.39 -9.27 31.55
N ASN B 310 -11.15 -9.75 31.62
CA ASN B 310 -10.01 -8.89 31.91
C ASN B 310 -9.80 -7.81 30.87
N ILE B 311 -10.05 -8.15 29.62
CA ILE B 311 -9.89 -7.19 28.53
C ILE B 311 -10.97 -6.15 28.58
N ARG B 312 -12.19 -6.58 28.90
CA ARG B 312 -13.30 -5.64 29.04
C ARG B 312 -13.09 -4.70 30.19
N GLN B 313 -12.51 -5.18 31.27
CA GLN B 313 -12.34 -4.36 32.43
C GLN B 313 -11.11 -3.48 32.39
N PHE B 314 -10.30 -3.56 31.35
CA PHE B 314 -9.13 -2.72 31.34
C PHE B 314 -9.53 -1.31 31.03
N GLN B 315 -9.20 -0.42 31.96
CA GLN B 315 -9.44 0.97 31.81
C GLN B 315 -8.14 1.64 31.43
N GLY B 316 -8.19 2.53 30.44
CA GLY B 316 -7.03 3.30 30.05
C GLY B 316 -6.60 4.16 31.22
N THR B 317 -5.39 4.70 31.10
CA THR B 317 -4.75 5.33 32.26
C THR B 317 -3.65 6.30 31.88
N GLN B 318 -3.07 6.99 32.85
CA GLN B 318 -1.96 7.84 32.51
C GLN B 318 -0.75 7.07 31.97
N LYS B 319 0.06 7.78 31.21
CA LYS B 319 1.10 7.16 30.42
C LYS B 319 2.12 6.36 31.24
N LEU B 320 2.44 6.87 32.41
CA LEU B 320 3.39 6.18 33.27
C LEU B 320 2.91 4.78 33.59
N ALA B 321 1.65 4.63 33.95
CA ALA B 321 1.10 3.29 34.18
C ALA B 321 1.11 2.48 32.91
N ALA B 322 0.70 3.06 31.80
CA ALA B 322 0.71 2.34 30.51
C ALA B 322 2.08 1.83 30.10
N ALA B 323 3.11 2.63 30.32
CA ALA B 323 4.48 2.17 30.08
C ALA B 323 4.87 1.01 31.00
N ALA B 324 4.62 1.21 32.29
CA ALA B 324 4.95 0.24 33.30
C ALA B 324 4.31 -1.12 32.97
N LEU B 325 3.03 -1.09 32.59
CA LEU B 325 2.30 -2.33 32.40
C LEU B 325 2.78 -3.01 31.18
N LEU B 326 2.98 -2.22 30.13
CA LEU B 326 3.42 -2.74 28.89
C LEU B 326 4.81 -3.29 29.08
N TYR B 327 5.66 -2.62 29.86
CA TYR B 327 7.01 -3.15 30.12
C TYR B 327 6.98 -4.55 30.72
N MET B 328 6.15 -4.69 31.76
CA MET B 328 5.99 -5.93 32.48
C MET B 328 5.39 -7.00 31.58
N GLY B 329 4.43 -6.64 30.78
CA GLY B 329 3.81 -7.58 29.86
C GLY B 329 4.66 -7.97 28.69
N SER B 330 5.42 -7.04 28.16
CA SER B 330 6.08 -7.31 26.85
C SER B 330 7.49 -7.82 27.01
N LYS B 331 8.11 -7.43 28.10
CA LYS B 331 9.49 -7.85 28.37
C LYS B 331 9.67 -8.82 29.54
N LEU B 332 8.79 -8.82 30.54
CA LEU B 332 9.08 -9.55 31.77
C LEU B 332 8.14 -10.71 32.05
N THR B 333 7.32 -11.11 31.10
CA THR B 333 6.56 -12.34 31.28
C THR B 333 7.31 -13.41 30.55
N THR B 334 7.18 -14.65 30.96
CA THR B 334 7.90 -15.72 30.30
C THR B 334 6.94 -16.39 29.35
N ASN B 335 7.49 -17.22 28.49
CA ASN B 335 6.70 -17.97 27.56
C ASN B 335 5.77 -18.93 28.26
N GLU B 336 6.27 -19.53 29.33
CA GLU B 336 5.56 -20.58 30.04
C GLU B 336 4.30 -19.96 30.62
N GLU B 337 4.41 -18.75 31.12
CA GLU B 337 3.27 -18.04 31.69
C GLU B 337 2.16 -17.74 30.71
N THR B 338 2.52 -17.51 29.47
CA THR B 338 1.58 -17.02 28.50
C THR B 338 1.04 -18.09 27.50
N VAL B 339 1.21 -19.37 27.79
CA VAL B 339 0.77 -20.40 26.84
C VAL B 339 -0.72 -20.37 26.61
N GLU B 340 -1.50 -20.16 27.66
CA GLU B 340 -2.98 -20.07 27.55
C GLU B 340 -3.38 -18.84 26.73
N LEU B 341 -2.76 -17.73 27.08
CA LEU B 341 -3.01 -16.48 26.38
C LEU B 341 -2.64 -16.60 24.91
N ASN B 342 -1.51 -17.26 24.66
CA ASN B 342 -1.08 -17.46 23.31
C ASN B 342 -2.13 -18.21 22.49
N LYS B 343 -2.76 -19.23 23.07
CA LYS B 343 -3.79 -20.01 22.36
C LYS B 343 -4.97 -19.15 22.00
N ILE B 344 -5.44 -18.39 22.99
CA ILE B 344 -6.64 -17.60 22.80
C ILE B 344 -6.41 -16.54 21.73
N PHE B 345 -5.29 -15.86 21.83
CA PHE B 345 -4.95 -14.87 20.83
C PHE B 345 -4.99 -15.44 19.42
N GLN B 346 -4.39 -16.60 19.22
CA GLN B 346 -4.28 -17.13 17.85
C GLN B 346 -5.62 -17.51 17.29
N ARG B 347 -6.53 -17.95 18.13
CA ARG B 347 -7.84 -18.30 17.64
C ARG B 347 -8.70 -17.04 17.38
N MET B 348 -8.53 -15.99 18.18
CA MET B 348 -9.25 -14.74 17.91
C MET B 348 -8.68 -14.02 16.74
N ASP B 349 -7.42 -14.30 16.40
CA ASP B 349 -6.86 -13.79 15.14
C ASP B 349 -7.25 -14.66 13.93
N LYS B 350 -8.48 -14.45 13.42
CA LYS B 350 -9.06 -15.28 12.34
C LYS B 350 -8.20 -15.26 11.07
N ASN B 351 -7.65 -14.11 10.73
CA ASN B 351 -6.81 -14.03 9.54
C ASN B 351 -5.34 -14.31 9.81
N GLY B 352 -4.95 -14.59 11.05
CA GLY B 352 -3.54 -14.86 11.36
C GLY B 352 -2.53 -13.73 11.22
N ASP B 353 -2.94 -12.52 10.83
CA ASP B 353 -1.97 -11.43 10.52
C ASP B 353 -1.16 -10.86 11.69
N GLY B 354 -1.32 -11.43 12.87
CA GLY B 354 -0.55 -11.01 14.04
C GLY B 354 -1.08 -9.78 14.77
N GLN B 355 -2.31 -9.44 14.45
CA GLN B 355 -3.02 -8.29 15.03
C GLN B 355 -4.42 -8.77 15.30
N LEU B 356 -5.02 -8.25 16.36
CA LEU B 356 -6.45 -8.30 16.48
C LEU B 356 -7.01 -6.97 15.97
N ASP B 357 -7.93 -7.07 15.02
CA ASP B 357 -8.63 -5.88 14.54
C ASP B 357 -10.04 -5.86 15.12
N LYS B 358 -10.74 -4.76 14.85
CA LYS B 358 -12.07 -4.51 15.38
C LYS B 358 -13.02 -5.69 15.17
N GLN B 359 -13.11 -6.21 13.97
CA GLN B 359 -14.06 -7.28 13.74
C GLN B 359 -13.66 -8.58 14.41
N GLU B 360 -12.36 -8.86 14.49
CA GLU B 360 -11.93 -10.09 15.11
C GLU B 360 -12.33 -10.10 16.58
N LEU B 361 -12.25 -8.91 17.19
CA LEU B 361 -12.61 -8.69 18.60
C LEU B 361 -14.08 -8.93 18.82
N MET B 362 -14.87 -8.38 17.93
CA MET B 362 -16.29 -8.50 17.97
C MET B 362 -16.69 -9.95 17.84
N GLU B 363 -16.09 -10.66 16.90
CA GLU B 363 -16.37 -12.08 16.71
C GLU B 363 -15.93 -12.92 17.92
N GLY B 364 -14.87 -12.50 18.60
CA GLY B 364 -14.49 -13.18 19.84
C GLY B 364 -15.59 -13.17 20.88
N TYR B 365 -16.15 -11.99 21.12
CA TYR B 365 -17.29 -11.80 21.99
C TYR B 365 -18.48 -12.59 21.52
N VAL B 366 -18.74 -12.59 20.22
CA VAL B 366 -19.88 -13.32 19.70
C VAL B 366 -19.70 -14.82 19.93
N GLU B 367 -18.49 -15.31 19.66
CA GLU B 367 -18.16 -16.73 19.79
C GLU B 367 -18.31 -17.20 21.25
N LEU B 368 -17.85 -16.36 22.18
CA LEU B 368 -18.14 -16.56 23.59
C LEU B 368 -19.63 -16.63 23.91
N MET B 369 -20.44 -15.75 23.32
CA MET B 369 -21.89 -15.73 23.52
C MET B 369 -22.56 -17.02 23.07
N LYS B 370 -22.18 -17.52 21.90
CA LYS B 370 -22.64 -18.83 21.45
C LYS B 370 -22.35 -19.87 22.53
N LEU B 371 -21.10 -19.93 22.97
CA LEU B 371 -20.66 -20.85 24.04
C LEU B 371 -21.53 -20.81 25.30
N LYS B 372 -22.01 -19.63 25.61
CA LYS B 372 -22.77 -19.38 26.82
C LYS B 372 -24.26 -19.66 26.65
N GLY B 373 -24.67 -20.00 25.43
CA GLY B 373 -26.08 -20.22 25.14
C GLY B 373 -26.85 -18.95 24.82
N GLU B 374 -26.17 -17.81 24.92
CA GLU B 374 -26.79 -16.53 24.57
C GLU B 374 -27.17 -16.52 23.09
N ASP B 375 -28.38 -16.03 22.84
CA ASP B 375 -29.02 -16.00 21.53
C ASP B 375 -28.36 -14.97 20.62
N VAL B 376 -27.91 -15.41 19.46
CA VAL B 376 -27.22 -14.56 18.49
C VAL B 376 -28.14 -13.48 17.89
N SER B 377 -29.17 -13.86 17.13
CA SER B 377 -30.18 -12.89 16.57
C SER B 377 -30.48 -11.70 17.47
N ALA B 378 -30.63 -11.98 18.78
CA ALA B 378 -30.85 -10.96 19.79
C ALA B 378 -29.88 -9.80 19.68
N LEU B 379 -28.66 -10.05 19.17
CA LEU B 379 -27.56 -9.10 19.31
C LEU B 379 -27.81 -7.79 18.60
N ASP B 380 -27.49 -6.75 19.33
CA ASP B 380 -27.58 -5.42 18.86
C ASP B 380 -26.21 -5.17 18.31
N GLN B 381 -26.10 -5.28 17.00
CA GLN B 381 -24.80 -5.21 16.35
C GLN B 381 -24.07 -3.89 16.59
N SER B 382 -24.84 -2.79 16.56
CA SER B 382 -24.31 -1.43 16.75
C SER B 382 -23.76 -1.22 18.15
N ALA B 383 -24.47 -1.78 19.12
CA ALA B 383 -24.09 -1.68 20.52
C ALA B 383 -22.78 -2.42 20.74
N ILE B 384 -22.73 -3.64 20.26
CA ILE B 384 -21.50 -4.41 20.35
C ILE B 384 -20.33 -3.65 19.69
N GLU B 385 -20.49 -3.23 18.44
CA GLU B 385 -19.49 -2.42 17.73
C GLU B 385 -18.92 -1.27 18.58
N PHE B 386 -19.81 -0.50 19.18
CA PHE B 386 -19.40 0.59 20.06
C PHE B 386 -18.62 0.08 21.28
N GLU B 387 -19.11 -1.01 21.86
CA GLU B 387 -18.50 -1.58 23.05
C GLU B 387 -17.05 -1.98 22.68
N VAL B 388 -16.90 -2.57 21.47
CA VAL B 388 -15.60 -3.03 20.94
C VAL B 388 -14.68 -1.85 20.60
N GLU B 389 -15.23 -0.82 19.98
CA GLU B 389 -14.46 0.39 19.74
C GLU B 389 -13.80 0.87 21.01
N GLN B 390 -14.49 0.80 22.15
CA GLN B 390 -14.01 1.42 23.40
C GLN B 390 -12.94 0.59 24.05
N VAL B 391 -13.10 -0.73 23.98
CA VAL B 391 -12.01 -1.65 24.39
C VAL B 391 -10.73 -1.42 23.59
N LEU B 392 -10.89 -1.40 22.28
CA LEU B 392 -9.76 -1.16 21.43
C LEU B 392 -9.13 0.18 21.77
N ASP B 393 -9.95 1.18 22.02
CA ASP B 393 -9.42 2.48 22.39
C ASP B 393 -8.55 2.37 23.68
N ALA B 394 -8.98 1.55 24.61
CA ALA B 394 -8.33 1.50 25.90
C ALA B 394 -7.09 0.69 25.85
N VAL B 395 -7.16 -0.38 25.07
CA VAL B 395 -6.11 -1.38 25.07
C VAL B 395 -4.98 -1.05 24.11
N ASP B 396 -5.30 -0.40 23.01
CA ASP B 396 -4.37 -0.12 21.90
C ASP B 396 -3.34 0.90 22.33
N PHE B 397 -2.31 0.40 22.94
CA PHE B 397 -1.32 1.22 23.59
C PHE B 397 -0.61 2.18 22.66
N ASP B 398 -0.33 1.75 21.43
CA ASP B 398 0.40 2.60 20.50
C ASP B 398 -0.53 3.39 19.59
N LYS B 399 -1.84 3.21 19.75
CA LYS B 399 -2.85 3.98 19.04
C LYS B 399 -2.75 3.76 17.54
N ASN B 400 -2.44 2.54 17.13
CA ASN B 400 -2.34 2.20 15.74
C ASN B 400 -3.60 1.53 15.23
N GLY B 401 -4.63 1.50 16.07
CA GLY B 401 -5.94 0.95 15.71
C GLY B 401 -6.05 -0.56 15.78
N PHE B 402 -5.05 -1.22 16.34
CA PHE B 402 -5.01 -2.67 16.32
C PHE B 402 -4.33 -3.16 17.58
N ILE B 403 -4.67 -4.38 18.02
CA ILE B 403 -4.09 -4.93 19.23
C ILE B 403 -3.00 -5.93 18.88
N GLU B 404 -1.76 -5.58 19.18
CA GLU B 404 -0.64 -6.50 18.95
C GLU B 404 -0.52 -7.51 20.09
N TYR B 405 0.29 -8.57 19.87
CA TYR B 405 0.44 -9.65 20.88
C TYR B 405 0.75 -9.18 22.30
N SER B 406 1.80 -8.39 22.41
CA SER B 406 2.25 -7.93 23.68
C SER B 406 1.20 -7.08 24.35
N GLU B 407 0.44 -6.30 23.57
CA GLU B 407 -0.58 -5.43 24.10
C GLU B 407 -1.62 -6.31 24.75
N PHE B 408 -1.99 -7.36 24.01
CA PHE B 408 -2.97 -8.31 24.48
C PHE B 408 -2.57 -8.95 25.78
N VAL B 409 -1.36 -9.48 25.83
CA VAL B 409 -0.86 -10.15 27.02
C VAL B 409 -0.91 -9.19 28.22
N THR B 410 -0.42 -7.96 28.04
CA THR B 410 -0.36 -7.02 29.15
C THR B 410 -1.74 -6.89 29.83
N VAL B 411 -2.74 -6.76 28.99
CA VAL B 411 -4.09 -6.37 29.37
C VAL B 411 -4.92 -7.57 29.80
N ALA B 412 -4.66 -8.73 29.20
CA ALA B 412 -5.56 -9.90 29.32
C ALA B 412 -5.13 -10.82 30.44
N MET B 413 -3.88 -10.74 30.83
CA MET B 413 -3.41 -11.50 31.93
C MET B 413 -3.99 -10.88 33.21
N ASP B 414 -4.32 -11.74 34.16
CA ASP B 414 -4.81 -11.36 35.47
C ASP B 414 -3.78 -10.44 36.15
N ARG B 415 -4.24 -9.23 36.53
CA ARG B 415 -3.34 -8.21 37.04
C ARG B 415 -2.51 -8.69 38.22
N LYS B 416 -3.05 -9.56 39.06
CA LYS B 416 -2.29 -9.96 40.22
C LYS B 416 -1.16 -10.86 39.78
N THR B 417 -1.41 -11.74 38.83
CA THR B 417 -0.35 -12.58 38.31
C THR B 417 0.72 -11.75 37.63
N LEU B 418 0.33 -10.86 36.74
CA LEU B 418 1.36 -10.09 36.02
C LEU B 418 2.07 -9.20 37.00
N LEU B 419 1.28 -8.62 37.88
CA LEU B 419 1.82 -7.74 38.86
C LEU B 419 2.56 -8.44 39.97
N SER B 420 3.27 -9.53 39.69
CA SER B 420 3.98 -10.19 40.77
C SER B 420 4.90 -9.16 41.41
N ARG B 421 5.18 -9.32 42.70
CA ARG B 421 6.06 -8.39 43.41
C ARG B 421 7.40 -8.13 42.69
N GLN B 422 7.99 -9.21 42.12
CA GLN B 422 9.28 -9.13 41.39
C GLN B 422 9.13 -8.26 40.16
N ARG B 423 8.06 -8.48 39.42
CA ARG B 423 7.89 -7.80 38.16
C ARG B 423 7.71 -6.30 38.35
N LEU B 424 6.86 -5.93 39.32
CA LEU B 424 6.71 -4.53 39.78
C LEU B 424 8.03 -3.84 40.12
N GLU B 425 8.83 -4.51 40.91
CA GLU B 425 10.00 -3.90 41.48
C GLU B 425 10.98 -3.73 40.35
N ARG B 426 11.05 -4.70 39.45
CA ARG B 426 12.02 -4.64 38.34
C ARG B 426 11.61 -3.57 37.32
N ALA B 427 10.33 -3.50 36.98
CA ALA B 427 9.82 -2.37 36.22
C ALA B 427 10.24 -1.05 36.84
N PHE B 428 10.00 -0.84 38.13
CA PHE B 428 10.31 0.46 38.72
C PHE B 428 11.77 0.78 38.61
N GLY B 429 12.59 -0.23 38.81
CA GLY B 429 14.03 -0.04 38.76
C GLY B 429 14.48 0.41 37.39
N MET B 430 13.89 -0.20 36.36
CA MET B 430 14.22 0.14 34.98
C MET B 430 13.91 1.60 34.69
N PHE B 431 12.79 2.06 35.23
CA PHE B 431 12.29 3.40 35.00
C PHE B 431 13.12 4.47 35.73
N ASP B 432 13.38 4.21 37.01
CA ASP B 432 14.21 5.07 37.83
C ASP B 432 15.67 4.88 37.42
N ALA B 433 16.00 5.43 36.27
CA ALA B 433 17.27 5.15 35.60
C ALA B 433 18.48 5.64 36.38
N ASP B 434 18.34 6.82 37.00
CA ASP B 434 19.41 7.39 37.80
C ASP B 434 19.51 6.77 39.20
N GLY B 435 18.71 5.76 39.49
CA GLY B 435 18.71 5.13 40.82
C GLY B 435 18.32 6.01 41.99
N SER B 436 17.68 7.15 41.75
CA SER B 436 17.37 8.11 42.80
C SER B 436 16.21 7.69 43.70
N GLY B 437 15.60 6.55 43.42
CA GLY B 437 14.44 6.08 44.19
C GLY B 437 13.12 6.67 43.75
N LYS B 438 13.13 7.46 42.67
CA LYS B 438 11.99 8.30 42.28
C LYS B 438 12.01 8.54 40.77
N ILE B 439 10.89 8.28 40.12
CA ILE B 439 10.80 8.43 38.67
C ILE B 439 10.45 9.87 38.35
N SER B 440 11.34 10.52 37.59
CA SER B 440 11.17 11.91 37.13
C SER B 440 10.54 11.94 35.76
N SER B 441 10.01 13.10 35.38
CA SER B 441 9.45 13.29 34.03
C SER B 441 10.50 13.02 32.95
N SER B 442 11.72 13.44 33.19
CA SER B 442 12.78 13.19 32.24
C SER B 442 13.02 11.70 32.10
N GLU B 443 12.99 10.96 33.21
CA GLU B 443 13.12 9.49 33.16
C GLU B 443 11.96 8.86 32.39
N LEU B 444 10.77 9.46 32.50
CA LEU B 444 9.62 9.02 31.72
C LEU B 444 9.82 9.27 30.22
N ALA B 445 10.32 10.45 29.88
CA ALA B 445 10.64 10.75 28.52
C ALA B 445 11.61 9.70 28.00
N THR B 446 12.64 9.44 28.79
CA THR B 446 13.64 8.45 28.43
C THR B 446 13.02 7.09 28.09
N ILE B 447 12.07 6.65 28.89
CA ILE B 447 11.39 5.36 28.68
C ILE B 447 10.70 5.34 27.35
N PHE B 448 10.05 6.44 27.01
CA PHE B 448 9.32 6.54 25.74
C PHE B 448 10.20 6.75 24.51
N GLY B 449 11.35 7.39 24.71
CA GLY B 449 12.34 7.52 23.66
C GLY B 449 12.19 8.86 23.04
N VAL B 450 11.90 9.83 23.89
CA VAL B 450 11.47 11.12 23.41
C VAL B 450 12.16 12.15 24.31
N SER B 451 12.43 13.33 23.74
CA SER B 451 13.29 14.36 24.35
C SER B 451 12.74 14.85 25.67
N GLU B 452 11.44 15.11 25.70
CA GLU B 452 10.77 15.47 26.94
C GLU B 452 9.30 15.12 26.86
N VAL B 453 8.65 15.08 28.02
CA VAL B 453 7.25 14.71 28.10
C VAL B 453 6.40 15.97 28.07
N ASP B 454 5.30 15.90 27.34
CA ASP B 454 4.32 16.98 27.32
C ASP B 454 3.94 17.37 28.77
N SER B 455 4.20 18.64 29.11
CA SER B 455 3.75 19.25 30.36
C SER B 455 2.38 18.70 30.83
N GLU B 456 1.45 18.61 29.88
CA GLU B 456 0.10 18.12 30.13
C GLU B 456 0.01 16.64 30.49
N THR B 457 0.82 15.79 29.86
CA THR B 457 0.79 14.34 30.17
C THR B 457 1.47 14.04 31.52
N TRP B 458 2.51 14.80 31.85
CA TRP B 458 3.19 14.70 33.16
C TRP B 458 2.25 15.21 34.23
N ARG B 459 1.64 16.37 33.98
CA ARG B 459 0.58 16.87 34.85
C ARG B 459 -0.47 15.79 35.10
N ARG B 460 -1.00 15.18 34.02
CA ARG B 460 -2.00 14.10 34.13
C ARG B 460 -1.57 12.92 35.05
N VAL B 461 -0.26 12.67 35.11
CA VAL B 461 0.29 11.63 35.96
C VAL B 461 0.27 12.03 37.43
N LEU B 462 1.02 13.09 37.78
CA LEU B 462 1.14 13.54 39.18
C LEU B 462 -0.25 13.66 39.78
N ALA B 463 -1.10 14.42 39.11
CA ALA B 463 -2.48 14.65 39.56
C ALA B 463 -3.15 13.38 40.10
N GLU B 464 -2.77 12.23 39.59
CA GLU B 464 -3.33 10.97 40.07
C GLU B 464 -2.45 10.16 41.00
N VAL B 465 -1.15 10.41 41.02
CA VAL B 465 -0.23 9.47 41.67
C VAL B 465 0.65 10.06 42.76
N ASP B 466 0.98 11.35 42.68
CA ASP B 466 1.97 11.96 43.54
C ASP B 466 1.41 12.24 44.94
N ARG B 467 1.52 11.27 45.85
CA ARG B 467 0.96 11.42 47.21
C ARG B 467 1.76 12.42 48.06
N ASN B 468 3.08 12.23 48.21
CA ASN B 468 3.84 13.19 49.04
C ASN B 468 3.63 14.56 48.48
N ASN B 469 3.63 14.64 47.16
CA ASN B 469 3.49 15.89 46.43
C ASN B 469 4.88 16.48 46.30
N ASP B 470 5.83 15.61 46.01
CA ASP B 470 7.23 15.99 45.94
C ASP B 470 7.71 16.09 44.48
N GLY B 471 6.78 16.05 43.54
CA GLY B 471 7.10 16.19 42.12
C GLY B 471 7.59 14.93 41.40
N GLU B 472 7.68 13.79 42.10
CA GLU B 472 8.11 12.54 41.46
C GLU B 472 7.39 11.32 41.99
N VAL B 473 7.58 10.18 41.34
CA VAL B 473 6.91 8.96 41.75
C VAL B 473 7.93 8.01 42.36
N ASP B 474 7.80 7.77 43.67
CA ASP B 474 8.64 6.80 44.36
C ASP B 474 7.99 5.42 44.32
N PHE B 475 8.66 4.42 44.89
CA PHE B 475 8.24 3.04 44.71
C PHE B 475 6.90 2.71 45.36
N GLU B 476 6.48 3.49 46.36
CA GLU B 476 5.23 3.19 47.02
C GLU B 476 4.08 3.81 46.21
N GLU B 477 4.31 5.02 45.69
CA GLU B 477 3.33 5.70 44.85
C GLU B 477 3.08 4.84 43.60
N PHE B 478 4.18 4.32 43.04
CA PHE B 478 4.17 3.43 41.86
C PHE B 478 3.31 2.18 42.12
N ARG B 479 3.48 1.63 43.31
CA ARG B 479 2.79 0.42 43.71
C ARG B 479 1.27 0.61 43.74
N GLN B 480 0.86 1.72 44.34
CA GLN B 480 -0.57 2.05 44.48
C GLN B 480 -1.18 2.23 43.12
N MET B 481 -0.42 2.92 42.28
CA MET B 481 -0.83 3.28 40.94
C MET B 481 -1.34 2.10 40.11
N LEU B 482 -0.59 1.02 40.12
CA LEU B 482 -1.02 -0.18 39.43
C LEU B 482 -1.97 -1.00 40.28
N LEU B 483 -1.78 -0.98 41.60
CA LEU B 483 -2.51 -1.91 42.46
C LEU B 483 -4.01 -1.65 42.58
N LYS B 484 -4.44 -0.41 42.33
CA LYS B 484 -5.86 -0.06 42.31
C LYS B 484 -6.64 -0.88 41.25
CA CA C . -2.88 -1.75 -17.51
CA CA D . 5.20 6.76 -17.19
CA CA E . 14.85 32.75 -23.41
CA CA F . 22.34 28.03 -30.24
N2 BK8 G . -14.30 21.53 -18.91
C21 BK8 G . -15.58 21.50 -19.29
C20 BK8 G . -16.72 21.85 -18.50
C10 BK8 G . -16.93 22.37 -17.22
C9 BK8 G . -15.91 22.37 -16.14
C22 BK8 G . -16.11 21.54 -15.03
C23 BK8 G . -15.19 21.44 -14.04
C4 BK8 G . -13.99 22.17 -14.10
C3 BK8 G . -13.09 22.19 -13.01
C8 BK8 G . -14.74 23.07 -16.23
C5 BK8 G . -13.76 22.99 -15.22
C6 BK8 G . -12.59 23.79 -15.23
C7 BK8 G . -11.76 23.82 -14.16
C2 BK8 G . -12.02 23.01 -13.04
O BK8 G . -11.27 23.00 -11.90
C1 BK8 G . -10.14 23.89 -11.85
C BK8 G . -9.51 23.76 -10.57
N3 BK8 G . -15.96 21.04 -20.48
N4 BK8 G . -17.33 21.06 -20.48
C19 BK8 G . -17.82 21.54 -19.32
C18 BK8 G . -19.11 21.80 -18.88
C12 BK8 G . -19.32 22.38 -17.63
C11 BK8 G . -18.23 22.67 -16.82
C13 BK8 G . -20.71 22.62 -17.12
N BK8 G . -20.88 21.96 -15.84
C17 BK8 G . -21.37 22.85 -14.78
C16 BK8 G . -21.13 22.10 -13.51
N1 BK8 G . -21.90 20.86 -13.57
C15 BK8 G . -21.48 20.03 -14.71
C14 BK8 G . -21.75 20.81 -15.96
CA CA H . -6.04 -10.09 12.51
CA CA I . -1.59 -1.45 19.04
CA CA J . 15.33 9.48 39.16
CA CA K . 5.94 11.56 45.15
N2 BK8 L . 18.08 -16.33 21.09
C21 BK8 L . 18.40 -17.62 20.97
C20 BK8 L . 19.40 -18.18 20.12
C10 BK8 L . 20.35 -17.67 19.22
C9 BK8 L . 20.23 -16.31 18.62
C22 BK8 L . 19.89 -16.17 17.27
C23 BK8 L . 19.82 -14.96 16.68
C4 BK8 L . 20.10 -13.79 17.40
C3 BK8 L . 20.09 -12.53 16.79
C8 BK8 L . 20.46 -15.18 19.36
C5 BK8 L . 20.37 -13.91 18.78
C6 BK8 L . 20.59 -12.73 19.53
C7 BK8 L . 20.58 -11.52 18.92
C2 BK8 L . 20.34 -11.42 17.54
O BK8 L . 20.32 -10.25 16.84
C1 BK8 L . 20.58 -9.04 17.55
C BK8 L . 20.52 -7.97 16.64
N3 BK8 L . 17.77 -18.58 21.64
N4 BK8 L . 18.33 -19.76 21.25
C19 BK8 L . 19.33 -19.56 20.36
C18 BK8 L . 20.22 -20.41 19.73
C12 BK8 L . 21.19 -19.91 18.86
C11 BK8 L . 21.26 -18.55 18.64
C13 BK8 L . 22.08 -20.83 18.08
N BK8 L . 21.99 -20.57 16.65
C17 BK8 L . 23.31 -20.48 16.06
C16 BK8 L . 23.12 -20.00 14.66
N1 BK8 L . 22.26 -20.94 13.94
C15 BK8 L . 20.95 -21.08 14.61
C14 BK8 L . 21.19 -21.60 15.97
#